data_7P83
#
_entry.id   7P83
#
_cell.length_a   75.381
_cell.length_b   75.381
_cell.length_c   280.435
_cell.angle_alpha   90.000
_cell.angle_beta   90.000
_cell.angle_gamma   120.000
#
_symmetry.space_group_name_H-M   'P 32 2 1'
#
loop_
_entity.id
_entity.type
_entity.pdbx_description
1 polymer 'S-adenosylmethionine synthase'
2 water water
#
_entity_poly.entity_id   1
_entity_poly.type   'polypeptide(L)'
_entity_poly.pdbx_seq_one_letter_code
;MGSSHHHHHHSSGLVPRGSHMRNIIVKKLDVEPIEERPTEIVERKGLGHPDSICDGIAESVSRALCKMYMEKFGTILHHN
TDQVELVGGHAYPKFGGGVMVSPIYILLSGRATMEILDKEKNEVIKLPVGTTAVKAAKEYLKKVLRNVDVDKDVIIDCRI
GQGSMDLVDVFERQKNEVPLANDTSFGVGYAPLSTTERLVLETERFLNSDELKNEIPAVGEDIKVMGLREGKKITLTIAM
AVVDRYVKNIEEYKEVIEKVRKKVEDLAKKIADGYEVEIHINTADDYERESVYLTVTGTSAEMGDDGSVGRGNRVNGLIT
PFRPMSMEAASGKNPVNHVGKIYNILANLIANDIAKLEGVKECYVRILSQIGKPINEPKALDIEIITEDSYDIKDIEPKA
KEIANKWLDNIMEVQKMIVEGKVTTF
;
_entity_poly.pdbx_strand_id   A,C
#
# COMPACT_ATOMS: atom_id res chain seq x y z
N ARG A 22 22.56 21.19 -5.32
CA ARG A 22 21.49 20.20 -5.25
C ARG A 22 21.99 18.75 -5.13
N ASN A 23 21.39 17.98 -4.23
CA ASN A 23 21.93 16.65 -3.86
C ASN A 23 21.44 15.53 -4.78
N ILE A 24 21.94 15.57 -6.03
CA ILE A 24 21.65 14.53 -7.01
C ILE A 24 22.76 13.50 -7.01
N ILE A 25 22.37 12.25 -6.85
CA ILE A 25 23.31 11.14 -6.77
C ILE A 25 23.10 10.20 -7.95
N VAL A 26 24.18 9.83 -8.61
CA VAL A 26 24.12 8.93 -9.76
C VAL A 26 25.02 7.72 -9.55
N LYS A 27 24.49 6.54 -9.81
CA LYS A 27 25.22 5.30 -9.64
C LYS A 27 25.06 4.39 -10.85
N LYS A 28 26.14 3.68 -11.18
CA LYS A 28 26.07 2.59 -12.14
C LYS A 28 25.54 1.35 -11.42
N LEU A 29 24.69 0.60 -12.11
CA LEU A 29 24.13 -0.63 -11.56
C LEU A 29 24.44 -1.78 -12.50
N ASP A 30 25.35 -2.65 -12.07
CA ASP A 30 25.82 -3.74 -12.91
C ASP A 30 25.03 -5.02 -12.67
N VAL A 31 23.82 -5.07 -13.21
CA VAL A 31 22.97 -6.26 -13.11
C VAL A 31 22.24 -6.48 -14.43
N GLU A 32 21.64 -7.65 -14.58
CA GLU A 32 20.75 -7.91 -15.71
C GLU A 32 19.57 -6.96 -15.63
N PRO A 33 19.23 -6.31 -16.76
CA PRO A 33 17.98 -5.53 -16.74
C PRO A 33 16.78 -6.46 -16.66
N ILE A 34 15.65 -5.95 -16.18
CA ILE A 34 14.46 -6.76 -15.94
C ILE A 34 14.05 -7.55 -17.19
N GLU A 35 14.25 -6.95 -18.35
CA GLU A 35 13.93 -7.59 -19.63
C GLU A 35 14.68 -8.89 -19.79
N GLU A 36 15.89 -8.96 -19.23
CA GLU A 36 16.79 -10.10 -19.43
C GLU A 36 16.82 -11.06 -18.25
N ARG A 37 16.23 -10.66 -17.13
CA ARG A 37 16.13 -11.54 -15.97
C ARG A 37 15.24 -12.74 -16.30
N PRO A 38 15.44 -13.86 -15.60
CA PRO A 38 14.69 -15.09 -15.91
C PRO A 38 13.18 -15.00 -15.65
N THR A 39 12.78 -14.36 -14.56
CA THR A 39 11.38 -14.33 -14.13
C THR A 39 10.86 -12.91 -13.94
N GLU A 40 9.55 -12.73 -14.10
CA GLU A 40 8.92 -11.43 -13.90
C GLU A 40 7.43 -11.60 -13.57
N ILE A 41 6.94 -10.77 -12.65
CA ILE A 41 5.53 -10.73 -12.30
C ILE A 41 5.06 -9.28 -12.30
N VAL A 42 4.00 -9.01 -13.07
CA VAL A 42 3.44 -7.67 -13.20
C VAL A 42 1.93 -7.77 -13.08
N GLU A 43 1.31 -6.76 -12.46
CA GLU A 43 -0.13 -6.76 -12.26
C GLU A 43 -0.71 -5.35 -12.41
N ARG A 44 -1.93 -5.29 -12.94
CA ARG A 44 -2.67 -4.03 -13.03
C ARG A 44 -4.13 -4.23 -12.66
N LYS A 45 -4.61 -3.40 -11.73
CA LYS A 45 -6.03 -3.39 -11.36
C LYS A 45 -6.76 -2.35 -12.20
N GLY A 46 -7.64 -2.82 -13.07
CA GLY A 46 -8.33 -1.95 -14.02
C GLY A 46 -9.29 -0.97 -13.36
N LEU A 47 -9.89 -0.11 -14.18
CA LEU A 47 -10.70 1.01 -13.69
C LEU A 47 -11.84 0.59 -12.79
N GLY A 48 -12.46 -0.55 -13.09
CA GLY A 48 -13.63 -1.01 -12.36
C GLY A 48 -13.32 -1.83 -11.13
N HIS A 49 -12.03 -2.13 -10.90
CA HIS A 49 -11.63 -2.87 -9.71
C HIS A 49 -11.88 -2.01 -8.48
N PRO A 50 -12.41 -2.62 -7.39
CA PRO A 50 -12.75 -1.86 -6.18
C PRO A 50 -11.67 -0.89 -5.70
N ASP A 51 -10.42 -1.34 -5.71
CA ASP A 51 -9.31 -0.51 -5.25
C ASP A 51 -9.07 0.68 -6.19
N SER A 52 -9.15 0.43 -7.50
CA SER A 52 -8.91 1.48 -8.48
C SER A 52 -10.06 2.49 -8.51
N ILE A 53 -11.25 2.04 -8.13
CA ILE A 53 -12.39 2.95 -8.01
C ILE A 53 -12.09 3.96 -6.92
N CYS A 54 -11.56 3.48 -5.79
CA CYS A 54 -11.21 4.35 -4.67
C CYS A 54 -10.12 5.35 -5.06
N ASP A 55 -9.09 4.88 -5.75
CA ASP A 55 -8.04 5.75 -6.24
C ASP A 55 -8.61 6.82 -7.16
N GLY A 56 -9.42 6.39 -8.13
CA GLY A 56 -10.00 7.30 -9.10
C GLY A 56 -10.92 8.33 -8.47
N ILE A 57 -11.75 7.89 -7.53
CA ILE A 57 -12.65 8.81 -6.83
C ILE A 57 -11.83 9.79 -5.98
N ALA A 58 -10.80 9.27 -5.32
CA ALA A 58 -9.94 10.10 -4.47
C ALA A 58 -9.33 11.23 -5.28
N GLU A 59 -8.84 10.90 -6.48
CA GLU A 59 -8.22 11.89 -7.35
C GLU A 59 -9.26 12.84 -7.96
N SER A 60 -10.45 12.30 -8.26
CA SER A 60 -11.54 13.11 -8.77
C SER A 60 -11.93 14.19 -7.77
N VAL A 61 -12.05 13.80 -6.50
CA VAL A 61 -12.41 14.72 -5.44
C VAL A 61 -11.34 15.79 -5.26
N SER A 62 -10.08 15.38 -5.28
CA SER A 62 -8.96 16.31 -5.13
C SER A 62 -8.96 17.36 -6.24
N ARG A 63 -9.18 16.92 -7.47
CA ARG A 63 -9.18 17.83 -8.60
C ARG A 63 -10.38 18.77 -8.56
N ALA A 64 -11.53 18.25 -8.14
CA ALA A 64 -12.74 19.07 -8.01
C ALA A 64 -12.52 20.16 -6.97
N LEU A 65 -11.95 19.80 -5.83
CA LEU A 65 -11.65 20.75 -4.78
C LEU A 65 -10.64 21.80 -5.24
N CYS A 66 -9.66 21.37 -6.03
CA CYS A 66 -8.68 22.30 -6.60
C CYS A 66 -9.39 23.35 -7.45
N LYS A 67 -10.30 22.90 -8.31
CA LYS A 67 -11.06 23.80 -9.16
C LYS A 67 -11.95 24.73 -8.33
N MET A 68 -12.55 24.17 -7.29
CA MET A 68 -13.44 24.95 -6.42
C MET A 68 -12.67 26.03 -5.67
N TYR A 69 -11.53 25.67 -5.11
CA TYR A 69 -10.70 26.62 -4.38
C TYR A 69 -10.17 27.71 -5.32
N MET A 70 -9.81 27.32 -6.53
CA MET A 70 -9.29 28.26 -7.52
C MET A 70 -10.33 29.28 -7.93
N GLU A 71 -11.52 28.80 -8.27
CA GLU A 71 -12.61 29.67 -8.72
C GLU A 71 -13.06 30.63 -7.63
N LYS A 72 -12.73 30.31 -6.38
CA LYS A 72 -13.25 31.04 -5.22
C LYS A 72 -12.22 31.97 -4.58
N PHE A 73 -10.94 31.62 -4.72
CA PHE A 73 -9.86 32.41 -4.12
C PHE A 73 -8.70 32.64 -5.07
N GLY A 74 -8.73 32.01 -6.24
CA GLY A 74 -7.65 32.14 -7.19
C GLY A 74 -6.41 31.36 -6.81
N THR A 75 -6.49 30.61 -5.72
CA THR A 75 -5.38 29.79 -5.26
C THR A 75 -5.90 28.48 -4.65
N ILE A 76 -5.09 27.43 -4.74
CA ILE A 76 -5.46 26.14 -4.15
C ILE A 76 -5.17 26.15 -2.65
N LEU A 77 -6.16 25.72 -1.87
CA LEU A 77 -6.03 25.65 -0.42
C LEU A 77 -5.73 24.22 0.03
N HIS A 78 -5.22 24.09 1.25
CA HIS A 78 -4.77 22.80 1.76
C HIS A 78 -5.88 21.74 1.80
N HIS A 79 -5.54 20.55 1.32
CA HIS A 79 -6.45 19.41 1.37
C HIS A 79 -5.69 18.13 1.03
N ASN A 80 -6.17 17.01 1.52
CA ASN A 80 -5.66 15.69 1.12
C ASN A 80 -6.78 14.66 1.24
N THR A 81 -7.42 14.38 0.11
CA THR A 81 -8.55 13.46 0.06
C THR A 81 -8.11 12.10 -0.50
N ASP A 82 -6.95 11.64 -0.03
CA ASP A 82 -6.42 10.35 -0.44
C ASP A 82 -6.99 9.23 0.43
N GLN A 83 -8.28 9.34 0.75
CA GLN A 83 -8.94 8.42 1.65
C GLN A 83 -10.36 8.14 1.19
N VAL A 84 -10.55 6.97 0.57
CA VAL A 84 -11.88 6.51 0.17
C VAL A 84 -12.00 5.04 0.54
N GLU A 85 -13.07 4.69 1.25
CA GLU A 85 -13.31 3.31 1.65
C GLU A 85 -14.56 2.77 0.96
N LEU A 86 -14.37 1.69 0.20
CA LEU A 86 -15.48 1.05 -0.50
C LEU A 86 -15.89 -0.24 0.20
N VAL A 87 -17.09 -0.25 0.75
CA VAL A 87 -17.68 -1.45 1.32
C VAL A 87 -18.54 -2.11 0.24
N GLY A 88 -18.16 -3.32 -0.14
CA GLY A 88 -18.86 -4.04 -1.20
C GLY A 88 -20.35 -4.20 -0.93
N GLY A 89 -21.13 -4.15 -2.01
CA GLY A 89 -22.56 -4.38 -1.92
C GLY A 89 -22.87 -5.85 -2.11
N HIS A 90 -24.11 -6.13 -2.50
CA HIS A 90 -24.53 -7.50 -2.80
C HIS A 90 -25.43 -7.50 -4.04
N ALA A 91 -25.22 -8.48 -4.91
CA ALA A 91 -25.98 -8.57 -6.15
C ALA A 91 -26.27 -10.02 -6.52
N TYR A 92 -27.17 -10.19 -7.48
CA TYR A 92 -27.62 -11.50 -7.92
C TYR A 92 -27.59 -11.54 -9.44
N PRO A 93 -26.41 -11.83 -10.02
CA PRO A 93 -26.29 -11.86 -11.48
C PRO A 93 -27.08 -13.01 -12.10
N LYS A 94 -27.54 -12.79 -13.33
CA LYS A 94 -28.22 -13.83 -14.10
C LYS A 94 -28.17 -13.48 -15.57
N PHE A 95 -28.06 -14.50 -16.42
CA PHE A 95 -28.05 -14.30 -17.86
C PHE A 95 -29.26 -13.48 -18.31
N GLY A 96 -29.00 -12.41 -19.05
CA GLY A 96 -30.06 -11.55 -19.57
C GLY A 96 -30.28 -10.30 -18.73
N GLY A 97 -29.89 -10.36 -17.47
CA GLY A 97 -30.04 -9.23 -16.57
C GLY A 97 -30.33 -9.64 -15.14
N GLY A 98 -29.40 -9.34 -14.23
CA GLY A 98 -29.56 -9.66 -12.82
C GLY A 98 -30.06 -8.46 -12.04
N VAL A 99 -29.96 -8.53 -10.72
CA VAL A 99 -30.45 -7.45 -9.86
C VAL A 99 -29.49 -7.15 -8.70
N MET A 100 -29.34 -5.86 -8.42
CA MET A 100 -28.57 -5.41 -7.27
C MET A 100 -29.41 -5.58 -6.00
N VAL A 101 -28.84 -6.23 -5.00
CA VAL A 101 -29.57 -6.54 -3.76
C VAL A 101 -29.26 -5.53 -2.66
N SER A 102 -27.97 -5.30 -2.40
CA SER A 102 -27.54 -4.33 -1.40
C SER A 102 -26.59 -3.32 -2.01
N PRO A 103 -26.83 -2.02 -1.78
CA PRO A 103 -25.97 -1.01 -2.43
C PRO A 103 -24.53 -1.04 -1.92
N ILE A 104 -23.61 -0.63 -2.79
CA ILE A 104 -22.22 -0.44 -2.42
C ILE A 104 -22.11 0.83 -1.60
N TYR A 105 -21.46 0.74 -0.43
CA TYR A 105 -21.25 1.90 0.42
C TYR A 105 -19.84 2.45 0.25
N ILE A 106 -19.75 3.70 -0.20
CA ILE A 106 -18.47 4.39 -0.37
C ILE A 106 -18.38 5.58 0.58
N LEU A 107 -17.29 5.63 1.35
CA LEU A 107 -17.04 6.71 2.30
C LEU A 107 -15.93 7.62 1.80
N LEU A 108 -16.27 8.87 1.53
CA LEU A 108 -15.27 9.88 1.20
C LEU A 108 -14.68 10.45 2.48
N SER A 109 -13.37 10.41 2.59
CA SER A 109 -12.68 10.93 3.77
C SER A 109 -11.47 11.76 3.36
N GLY A 110 -10.66 12.12 4.34
CA GLY A 110 -9.47 12.93 4.10
C GLY A 110 -9.56 14.27 4.81
N ARG A 111 -8.61 15.15 4.51
CA ARG A 111 -8.54 16.48 5.09
C ARG A 111 -8.83 17.54 4.03
N ALA A 112 -9.43 18.65 4.44
CA ALA A 112 -9.70 19.75 3.53
C ALA A 112 -9.96 21.04 4.30
N THR A 113 -9.75 22.17 3.64
CA THR A 113 -10.09 23.46 4.23
C THR A 113 -11.61 23.62 4.20
N MET A 114 -12.24 23.41 5.34
CA MET A 114 -13.69 23.39 5.45
C MET A 114 -14.27 24.78 5.67
N GLU A 115 -13.46 25.68 6.21
CA GLU A 115 -13.91 27.00 6.59
C GLU A 115 -12.76 28.00 6.63
N ILE A 116 -13.11 29.27 6.42
CA ILE A 116 -12.15 30.37 6.56
C ILE A 116 -12.71 31.41 7.53
N LEU A 117 -11.82 32.22 8.11
CA LEU A 117 -12.21 33.19 9.13
C LEU A 117 -12.17 34.62 8.60
N ASP A 118 -13.33 35.24 8.50
CA ASP A 118 -13.42 36.67 8.20
C ASP A 118 -13.13 37.45 9.47
N LYS A 119 -11.86 37.78 9.69
CA LYS A 119 -11.44 38.42 10.93
C LYS A 119 -12.16 39.74 11.18
N GLU A 120 -12.47 40.46 10.10
CA GLU A 120 -13.15 41.74 10.22
C GLU A 120 -14.57 41.56 10.72
N LYS A 121 -15.31 40.66 10.08
CA LYS A 121 -16.66 40.32 10.52
C LYS A 121 -16.63 39.45 11.78
N ASN A 122 -15.47 38.85 12.05
CA ASN A 122 -15.34 37.89 13.14
C ASN A 122 -16.34 36.76 12.98
N GLU A 123 -16.34 36.17 11.78
CA GLU A 123 -17.34 35.18 11.41
C GLU A 123 -16.74 34.07 10.55
N VAL A 124 -17.15 32.83 10.82
CA VAL A 124 -16.67 31.69 10.06
C VAL A 124 -17.46 31.52 8.77
N ILE A 125 -16.74 31.36 7.66
CA ILE A 125 -17.36 31.14 6.36
C ILE A 125 -17.05 29.71 5.91
N LYS A 126 -18.09 28.89 5.81
CA LYS A 126 -17.92 27.49 5.40
C LYS A 126 -17.83 27.36 3.88
N LEU A 127 -16.98 26.45 3.42
CA LEU A 127 -16.75 26.23 2.00
C LEU A 127 -17.44 24.95 1.53
N PRO A 128 -17.86 24.91 0.26
CA PRO A 128 -18.64 23.78 -0.28
C PRO A 128 -17.79 22.54 -0.58
N VAL A 129 -17.08 22.05 0.43
CA VAL A 129 -16.24 20.88 0.27
C VAL A 129 -17.08 19.62 0.07
N GLY A 130 -18.10 19.46 0.91
CA GLY A 130 -18.91 18.25 0.91
C GLY A 130 -19.69 18.02 -0.37
N THR A 131 -20.38 19.06 -0.84
CA THR A 131 -21.18 18.94 -2.06
C THR A 131 -20.29 18.77 -3.29
N THR A 132 -19.13 19.42 -3.27
CA THR A 132 -18.17 19.29 -4.37
C THR A 132 -17.62 17.87 -4.43
N ALA A 133 -17.27 17.32 -3.28
CA ALA A 133 -16.70 15.99 -3.19
C ALA A 133 -17.70 14.92 -3.61
N VAL A 134 -18.93 15.00 -3.11
CA VAL A 134 -19.95 14.01 -3.42
C VAL A 134 -20.29 14.01 -4.90
N LYS A 135 -20.36 15.18 -5.52
CA LYS A 135 -20.70 15.25 -6.93
C LYS A 135 -19.56 14.74 -7.79
N ALA A 136 -18.33 15.06 -7.39
CA ALA A 136 -17.15 14.59 -8.12
C ALA A 136 -17.11 13.07 -8.12
N ALA A 137 -17.32 12.47 -6.94
CA ALA A 137 -17.32 11.01 -6.81
C ALA A 137 -18.41 10.38 -7.66
N LYS A 138 -19.59 10.99 -7.66
CA LYS A 138 -20.73 10.46 -8.42
C LYS A 138 -20.49 10.59 -9.92
N GLU A 139 -19.92 11.72 -10.33
CA GLU A 139 -19.61 11.95 -11.74
C GLU A 139 -18.59 10.93 -12.24
N TYR A 140 -17.57 10.66 -11.43
CA TYR A 140 -16.51 9.74 -11.83
C TYR A 140 -17.05 8.32 -11.97
N LEU A 141 -17.87 7.89 -11.01
CA LEU A 141 -18.47 6.57 -11.07
C LEU A 141 -19.34 6.39 -12.30
N LYS A 142 -20.00 7.47 -12.71
CA LYS A 142 -20.83 7.47 -13.91
C LYS A 142 -19.98 7.18 -15.15
N LYS A 143 -18.74 7.65 -15.13
CA LYS A 143 -17.85 7.50 -16.28
C LYS A 143 -17.26 6.09 -16.37
N VAL A 144 -16.81 5.56 -15.24
CA VAL A 144 -16.04 4.31 -15.23
C VAL A 144 -16.90 3.06 -15.10
N LEU A 145 -18.16 3.22 -14.72
CA LEU A 145 -19.09 2.10 -14.63
C LEU A 145 -20.36 2.40 -15.42
N ARG A 146 -20.33 2.02 -16.70
CA ARG A 146 -21.41 2.34 -17.63
C ARG A 146 -22.76 1.78 -17.18
N ASN A 147 -22.73 0.63 -16.51
CA ASN A 147 -23.96 -0.13 -16.23
C ASN A 147 -24.43 -0.06 -14.78
N VAL A 148 -23.81 0.81 -13.99
CA VAL A 148 -24.24 1.00 -12.61
C VAL A 148 -25.38 2.01 -12.56
N ASP A 149 -26.26 1.85 -11.57
CA ASP A 149 -27.31 2.83 -11.29
C ASP A 149 -26.93 3.58 -10.02
N VAL A 150 -26.39 4.79 -10.19
CA VAL A 150 -25.86 5.55 -9.06
C VAL A 150 -26.94 5.98 -8.07
N ASP A 151 -28.21 5.83 -8.45
CA ASP A 151 -29.32 6.24 -7.60
C ASP A 151 -29.73 5.16 -6.60
N LYS A 152 -29.43 3.90 -6.92
CA LYS A 152 -29.86 2.80 -6.04
C LYS A 152 -28.74 1.79 -5.76
N ASP A 153 -27.75 1.71 -6.64
CA ASP A 153 -26.68 0.71 -6.50
C ASP A 153 -25.55 1.17 -5.59
N VAL A 154 -25.51 2.46 -5.28
CA VAL A 154 -24.39 3.03 -4.54
C VAL A 154 -24.80 4.09 -3.53
N ILE A 155 -24.22 4.00 -2.33
CA ILE A 155 -24.30 5.05 -1.33
C ILE A 155 -22.96 5.76 -1.27
N ILE A 156 -22.97 7.09 -1.40
CA ILE A 156 -21.75 7.88 -1.26
C ILE A 156 -21.85 8.80 -0.06
N ASP A 157 -21.17 8.41 1.01
CA ASP A 157 -21.13 9.16 2.25
C ASP A 157 -19.86 10.04 2.28
N CYS A 158 -19.84 11.03 3.17
CA CYS A 158 -18.71 11.96 3.22
C CYS A 158 -18.41 12.42 4.65
N ARG A 159 -17.17 12.20 5.08
CA ARG A 159 -16.72 12.62 6.40
C ARG A 159 -15.37 13.34 6.34
N ILE A 160 -15.10 14.00 5.22
CA ILE A 160 -13.92 14.85 5.09
C ILE A 160 -13.94 15.89 6.21
N GLY A 161 -12.81 16.04 6.89
CA GLY A 161 -12.71 16.94 8.03
C GLY A 161 -11.64 18.00 7.84
N GLN A 162 -11.58 18.92 8.80
CA GLN A 162 -10.60 20.00 8.77
C GLN A 162 -9.20 19.48 9.13
N GLY A 163 -8.21 19.89 8.34
CA GLY A 163 -6.83 19.54 8.61
C GLY A 163 -6.28 20.31 9.80
N SER A 164 -5.18 19.84 10.36
CA SER A 164 -4.59 20.50 11.53
C SER A 164 -3.98 21.84 11.16
N MET A 165 -3.70 22.66 12.17
CA MET A 165 -3.15 23.99 11.97
C MET A 165 -1.67 23.95 11.60
N ASP A 166 -1.03 22.80 11.84
CA ASP A 166 0.40 22.66 11.62
C ASP A 166 0.77 22.67 10.14
N LEU A 167 0.05 21.88 9.34
CA LEU A 167 0.43 21.67 7.95
C LEU A 167 -0.27 22.66 7.00
N VAL A 168 -1.38 23.24 7.42
CA VAL A 168 -2.01 24.30 6.63
C VAL A 168 -1.10 25.52 6.63
N ASP A 169 -0.21 25.58 7.63
CA ASP A 169 0.80 26.63 7.70
C ASP A 169 1.96 26.30 6.76
N VAL A 170 2.48 25.08 6.87
CA VAL A 170 3.52 24.59 5.97
C VAL A 170 3.06 24.72 4.52
N PHE A 171 1.75 24.50 4.31
CA PHE A 171 1.14 24.65 3.01
C PHE A 171 1.18 26.11 2.55
N GLU A 172 1.05 27.03 3.50
CA GLU A 172 0.92 28.46 3.20
C GLU A 172 2.23 29.23 3.29
N ARG A 173 3.20 28.71 4.04
CA ARG A 173 4.45 29.44 4.32
C ARG A 173 5.12 30.00 3.07
N GLN A 174 5.12 29.24 2.00
CA GLN A 174 5.72 29.68 0.74
C GLN A 174 4.97 29.11 -0.47
N LYS A 175 3.66 29.32 -0.48
CA LYS A 175 2.83 28.82 -1.57
C LYS A 175 3.02 29.67 -2.83
N ASN A 176 3.31 30.95 -2.65
CA ASN A 176 3.54 31.85 -3.77
C ASN A 176 4.94 31.69 -4.35
N GLU A 177 5.89 31.27 -3.50
CA GLU A 177 7.22 30.92 -3.95
C GLU A 177 7.23 29.44 -4.32
N VAL A 178 8.21 28.68 -3.82
CA VAL A 178 8.20 27.23 -3.97
C VAL A 178 7.54 26.62 -2.74
N PRO A 179 6.48 25.81 -2.92
CA PRO A 179 5.82 25.21 -1.74
C PRO A 179 6.76 24.33 -0.93
N LEU A 180 6.61 24.36 0.39
CA LEU A 180 7.39 23.51 1.29
C LEU A 180 6.75 22.13 1.37
N ALA A 181 7.58 21.09 1.26
CA ALA A 181 7.09 19.72 1.32
C ALA A 181 6.31 19.47 2.60
N ASN A 182 5.09 18.95 2.46
CA ASN A 182 4.20 18.71 3.59
C ASN A 182 4.74 17.64 4.53
N ASP A 183 5.70 16.85 4.05
CA ASP A 183 6.07 15.63 4.75
C ASP A 183 7.42 15.08 4.28
N THR A 184 8.00 14.19 5.10
CA THR A 184 9.19 13.46 4.72
C THR A 184 8.78 12.14 4.07
N SER A 185 8.81 12.11 2.75
CA SER A 185 8.38 10.93 2.00
C SER A 185 9.25 10.75 0.75
N PHE A 186 9.14 9.59 0.12
CA PHE A 186 9.86 9.33 -1.12
C PHE A 186 8.92 8.82 -2.22
N GLY A 187 9.26 9.16 -3.45
CA GLY A 187 8.59 8.63 -4.62
C GLY A 187 9.61 7.91 -5.48
N VAL A 188 9.14 6.96 -6.30
CA VAL A 188 10.04 6.20 -7.17
C VAL A 188 9.51 6.17 -8.59
N GLY A 189 10.42 5.94 -9.54
CA GLY A 189 10.08 5.82 -10.93
C GLY A 189 11.17 5.07 -11.67
N TYR A 190 10.85 4.53 -12.84
CA TYR A 190 11.82 3.81 -13.63
C TYR A 190 11.40 3.75 -15.09
N ALA A 191 12.37 3.47 -15.95
CA ALA A 191 12.12 3.38 -17.38
C ALA A 191 13.29 2.68 -18.06
N PRO A 192 13.04 2.05 -19.22
CA PRO A 192 11.73 1.91 -19.87
C PRO A 192 10.93 0.77 -19.28
N LEU A 193 9.66 0.65 -19.67
CA LEU A 193 8.85 -0.49 -19.27
C LEU A 193 9.31 -1.74 -20.01
N SER A 194 9.25 -2.88 -19.34
CA SER A 194 9.57 -4.16 -19.97
C SER A 194 8.44 -4.58 -20.89
N THR A 195 8.68 -5.61 -21.70
CA THR A 195 7.69 -6.12 -22.62
C THR A 195 6.44 -6.61 -21.87
N THR A 196 6.65 -7.23 -20.73
CA THR A 196 5.56 -7.77 -19.93
C THR A 196 4.75 -6.63 -19.30
N GLU A 197 5.44 -5.61 -18.83
CA GLU A 197 4.80 -4.44 -18.24
C GLU A 197 3.93 -3.71 -19.27
N ARG A 198 4.48 -3.50 -20.46
CA ARG A 198 3.74 -2.86 -21.54
C ARG A 198 2.50 -3.67 -21.89
N LEU A 199 2.64 -4.99 -21.91
CA LEU A 199 1.54 -5.86 -22.29
C LEU A 199 0.42 -5.81 -21.26
N VAL A 200 0.78 -5.86 -19.98
CA VAL A 200 -0.21 -5.80 -18.92
C VAL A 200 -0.93 -4.44 -18.94
N LEU A 201 -0.15 -3.38 -19.04
CA LEU A 201 -0.70 -2.03 -19.05
C LEU A 201 -1.64 -1.80 -20.24
N GLU A 202 -1.15 -2.10 -21.43
CA GLU A 202 -1.90 -1.81 -22.66
C GLU A 202 -3.11 -2.73 -22.83
N THR A 203 -3.05 -3.93 -22.26
CA THR A 203 -4.18 -4.85 -22.32
C THR A 203 -5.38 -4.24 -21.60
N GLU A 204 -5.14 -3.71 -20.40
CA GLU A 204 -6.20 -3.11 -19.60
C GLU A 204 -6.71 -1.83 -20.26
N ARG A 205 -5.77 -0.98 -20.70
CA ARG A 205 -6.12 0.26 -21.38
C ARG A 205 -7.02 0.01 -22.59
N PHE A 206 -6.73 -1.05 -23.33
CA PHE A 206 -7.51 -1.37 -24.52
C PHE A 206 -8.89 -1.91 -24.17
N LEU A 207 -8.93 -2.86 -23.24
CA LEU A 207 -10.20 -3.49 -22.88
C LEU A 207 -11.14 -2.54 -22.15
N ASN A 208 -10.59 -1.43 -21.65
CA ASN A 208 -11.40 -0.39 -21.00
C ASN A 208 -11.49 0.88 -21.84
N SER A 209 -11.12 0.78 -23.11
CA SER A 209 -11.29 1.89 -24.04
C SER A 209 -12.73 1.96 -24.51
N ASP A 210 -13.24 3.17 -24.73
CA ASP A 210 -14.59 3.35 -25.23
C ASP A 210 -14.78 2.64 -26.56
N GLU A 211 -13.70 2.53 -27.32
CA GLU A 211 -13.73 1.88 -28.63
C GLU A 211 -14.20 0.42 -28.52
N LEU A 212 -13.65 -0.30 -27.55
CA LEU A 212 -14.01 -1.71 -27.38
C LEU A 212 -15.37 -1.87 -26.71
N LYS A 213 -15.66 -1.00 -25.74
CA LYS A 213 -16.95 -1.03 -25.05
C LYS A 213 -18.09 -0.92 -26.05
N ASN A 214 -17.92 -0.06 -27.03
CA ASN A 214 -18.95 0.13 -28.06
C ASN A 214 -19.08 -1.11 -28.94
N GLU A 215 -17.97 -1.84 -29.10
CA GLU A 215 -17.97 -3.05 -29.92
C GLU A 215 -18.48 -4.25 -29.12
N ILE A 216 -18.07 -4.32 -27.86
CA ILE A 216 -18.44 -5.44 -26.98
C ILE A 216 -18.87 -4.89 -25.62
N PRO A 217 -20.11 -4.37 -25.54
CA PRO A 217 -20.60 -3.77 -24.28
C PRO A 217 -20.72 -4.76 -23.13
N ALA A 218 -20.54 -6.05 -23.41
CA ALA A 218 -20.60 -7.07 -22.37
C ALA A 218 -19.36 -7.07 -21.48
N VAL A 219 -18.35 -6.30 -21.87
CA VAL A 219 -17.09 -6.24 -21.11
C VAL A 219 -17.19 -5.23 -19.97
N GLY A 220 -17.21 -5.73 -18.74
CA GLY A 220 -17.23 -4.87 -17.58
C GLY A 220 -15.89 -4.18 -17.37
N GLU A 221 -15.86 -3.17 -16.52
CA GLU A 221 -14.66 -2.36 -16.33
C GLU A 221 -13.74 -2.90 -15.25
N ASP A 222 -14.24 -3.82 -14.43
CA ASP A 222 -13.42 -4.47 -13.42
C ASP A 222 -12.57 -5.53 -14.10
N ILE A 223 -11.42 -5.10 -14.61
CA ILE A 223 -10.48 -5.99 -15.30
C ILE A 223 -9.16 -6.03 -14.55
N LYS A 224 -8.81 -7.22 -14.07
CA LYS A 224 -7.56 -7.44 -13.37
C LYS A 224 -6.64 -8.27 -14.27
N VAL A 225 -5.45 -7.74 -14.55
CA VAL A 225 -4.50 -8.41 -15.45
C VAL A 225 -3.19 -8.71 -14.72
N MET A 226 -2.83 -9.99 -14.69
CA MET A 226 -1.53 -10.41 -14.18
C MET A 226 -0.67 -10.97 -15.30
N GLY A 227 0.58 -10.54 -15.35
CA GLY A 227 1.55 -11.05 -16.31
C GLY A 227 2.63 -11.83 -15.61
N LEU A 228 2.78 -13.10 -16.01
CA LEU A 228 3.83 -13.96 -15.48
C LEU A 228 4.77 -14.37 -16.60
N ARG A 229 6.05 -14.01 -16.47
CA ARG A 229 7.04 -14.36 -17.48
C ARG A 229 8.05 -15.35 -16.95
N GLU A 230 8.27 -16.42 -17.73
CA GLU A 230 9.32 -17.38 -17.46
C GLU A 230 10.20 -17.46 -18.70
N GLY A 231 11.41 -16.91 -18.60
CA GLY A 231 12.27 -16.79 -19.75
C GLY A 231 11.63 -15.92 -20.81
N LYS A 232 11.30 -16.52 -21.95
CA LYS A 232 10.69 -15.80 -23.06
C LYS A 232 9.24 -16.22 -23.27
N LYS A 233 8.64 -16.85 -22.25
CA LYS A 233 7.22 -17.19 -22.28
C LYS A 233 6.45 -16.30 -21.30
N ILE A 234 5.48 -15.55 -21.83
CA ILE A 234 4.65 -14.67 -21.03
C ILE A 234 3.23 -15.21 -20.92
N THR A 235 2.81 -15.52 -19.71
CA THR A 235 1.43 -15.95 -19.46
C THR A 235 0.62 -14.78 -18.91
N LEU A 236 -0.36 -14.34 -19.68
CA LEU A 236 -1.23 -13.23 -19.30
C LEU A 236 -2.55 -13.76 -18.76
N THR A 237 -2.77 -13.53 -17.46
CA THR A 237 -4.01 -13.98 -16.81
C THR A 237 -4.92 -12.79 -16.57
N ILE A 238 -6.12 -12.85 -17.15
CA ILE A 238 -7.08 -11.76 -17.08
C ILE A 238 -8.33 -12.20 -16.32
N ALA A 239 -8.67 -11.44 -15.28
CA ALA A 239 -9.96 -11.57 -14.61
C ALA A 239 -10.84 -10.43 -15.08
N MET A 240 -11.90 -10.77 -15.81
CA MET A 240 -12.73 -9.78 -16.50
C MET A 240 -14.21 -9.95 -16.16
N ALA A 241 -14.78 -8.95 -15.51
CA ALA A 241 -16.20 -8.97 -15.18
C ALA A 241 -17.05 -8.80 -16.43
N VAL A 242 -18.01 -9.69 -16.62
CA VAL A 242 -18.92 -9.63 -17.76
C VAL A 242 -20.27 -9.07 -17.31
N VAL A 243 -20.81 -8.13 -18.08
CA VAL A 243 -22.08 -7.49 -17.77
C VAL A 243 -23.23 -8.37 -18.25
N ASP A 244 -24.02 -8.85 -17.30
CA ASP A 244 -24.95 -9.94 -17.58
C ASP A 244 -26.14 -9.57 -18.47
N ARG A 245 -26.40 -8.28 -18.63
CA ARG A 245 -27.53 -7.84 -19.44
C ARG A 245 -27.25 -7.97 -20.93
N TYR A 246 -25.99 -8.22 -21.28
CA TYR A 246 -25.57 -8.32 -22.68
C TYR A 246 -25.28 -9.75 -23.11
N VAL A 247 -25.43 -10.69 -22.19
CA VAL A 247 -25.22 -12.11 -22.48
C VAL A 247 -26.44 -12.94 -22.09
N LYS A 248 -27.07 -13.54 -23.09
CA LYS A 248 -28.30 -14.30 -22.90
C LYS A 248 -28.09 -15.66 -22.25
N ASN A 249 -26.91 -16.23 -22.45
CA ASN A 249 -26.63 -17.58 -21.96
C ASN A 249 -25.13 -17.85 -21.84
N ILE A 250 -24.79 -19.05 -21.38
CA ILE A 250 -23.41 -19.44 -21.18
C ILE A 250 -22.65 -19.46 -22.51
N GLU A 251 -23.39 -19.56 -23.61
CA GLU A 251 -22.77 -19.61 -24.94
C GLU A 251 -22.34 -18.21 -25.39
N GLU A 252 -23.21 -17.23 -25.25
CA GLU A 252 -22.87 -15.86 -25.59
C GLU A 252 -21.75 -15.36 -24.68
N TYR A 253 -21.75 -15.84 -23.45
CA TYR A 253 -20.67 -15.56 -22.51
C TYR A 253 -19.34 -16.06 -23.07
N LYS A 254 -19.34 -17.31 -23.54
CA LYS A 254 -18.15 -17.92 -24.12
C LYS A 254 -17.63 -17.12 -25.31
N GLU A 255 -18.54 -16.60 -26.12
CA GLU A 255 -18.15 -15.81 -27.28
C GLU A 255 -17.44 -14.51 -26.88
N VAL A 256 -17.91 -13.89 -25.81
CA VAL A 256 -17.28 -12.67 -25.32
C VAL A 256 -15.85 -12.99 -24.86
N ILE A 257 -15.69 -14.07 -24.13
CA ILE A 257 -14.37 -14.50 -23.67
C ILE A 257 -13.42 -14.71 -24.84
N GLU A 258 -13.89 -15.41 -25.87
CA GLU A 258 -13.05 -15.75 -27.01
C GLU A 258 -12.82 -14.55 -27.92
N LYS A 259 -13.84 -13.71 -28.07
CA LYS A 259 -13.69 -12.48 -28.84
C LYS A 259 -12.58 -11.60 -28.24
N VAL A 260 -12.70 -11.34 -26.93
CA VAL A 260 -11.69 -10.56 -26.22
C VAL A 260 -10.33 -11.23 -26.33
N ARG A 261 -10.30 -12.55 -26.15
CA ARG A 261 -9.06 -13.31 -26.21
C ARG A 261 -8.31 -13.07 -27.52
N LYS A 262 -9.04 -13.04 -28.63
CA LYS A 262 -8.44 -12.78 -29.93
C LYS A 262 -7.93 -11.35 -30.02
N LYS A 263 -8.70 -10.41 -29.47
CA LYS A 263 -8.31 -9.00 -29.45
C LYS A 263 -6.98 -8.82 -28.71
N VAL A 264 -6.84 -9.49 -27.57
CA VAL A 264 -5.62 -9.37 -26.77
C VAL A 264 -4.45 -10.06 -27.46
N GLU A 265 -4.73 -11.16 -28.16
CA GLU A 265 -3.71 -11.84 -28.94
C GLU A 265 -3.17 -10.93 -30.04
N ASP A 266 -4.08 -10.21 -30.67
CA ASP A 266 -3.71 -9.25 -31.71
C ASP A 266 -2.83 -8.16 -31.12
N LEU A 267 -3.18 -7.71 -29.92
CA LEU A 267 -2.39 -6.69 -29.23
C LEU A 267 -1.02 -7.22 -28.84
N ALA A 268 -0.98 -8.47 -28.41
CA ALA A 268 0.28 -9.09 -27.98
C ALA A 268 1.25 -9.23 -29.15
N LYS A 269 0.71 -9.45 -30.35
CA LYS A 269 1.53 -9.54 -31.55
C LYS A 269 2.17 -8.19 -31.87
N LYS A 270 1.48 -7.11 -31.52
CA LYS A 270 1.97 -5.76 -31.76
C LYS A 270 3.05 -5.36 -30.75
N ILE A 271 2.97 -5.91 -29.55
CA ILE A 271 3.83 -5.50 -28.44
C ILE A 271 4.88 -6.55 -28.08
N ALA A 272 4.47 -7.82 -28.07
CA ALA A 272 5.33 -8.89 -27.60
C ALA A 272 5.92 -9.69 -28.75
N ASP A 273 6.40 -9.00 -29.78
CA ASP A 273 7.03 -9.64 -30.92
C ASP A 273 8.28 -10.40 -30.50
N GLY A 274 8.28 -11.71 -30.71
CA GLY A 274 9.42 -12.55 -30.38
C GLY A 274 9.23 -13.39 -29.13
N TYR A 275 8.11 -13.20 -28.45
CA TYR A 275 7.80 -13.96 -27.24
C TYR A 275 6.68 -14.96 -27.50
N GLU A 276 6.70 -16.05 -26.74
CA GLU A 276 5.54 -16.94 -26.66
C GLU A 276 4.56 -16.33 -25.66
N VAL A 277 3.33 -16.12 -26.09
CA VAL A 277 2.32 -15.46 -25.26
C VAL A 277 1.07 -16.30 -25.09
N GLU A 278 0.82 -16.75 -23.86
CA GLU A 278 -0.42 -17.40 -23.50
C GLU A 278 -1.37 -16.39 -22.87
N ILE A 279 -2.67 -16.54 -23.13
CA ILE A 279 -3.68 -15.63 -22.61
C ILE A 279 -4.83 -16.41 -21.98
N HIS A 280 -4.89 -16.36 -20.64
CA HIS A 280 -5.92 -17.04 -19.89
C HIS A 280 -6.92 -16.01 -19.35
N ILE A 281 -8.20 -16.29 -19.54
CA ILE A 281 -9.26 -15.37 -19.12
C ILE A 281 -10.27 -16.06 -18.20
N ASN A 282 -10.48 -15.45 -17.04
CA ASN A 282 -11.43 -15.96 -16.04
C ASN A 282 -11.22 -17.44 -15.79
N THR A 283 -10.03 -17.78 -15.32
CA THR A 283 -9.62 -19.17 -15.15
C THR A 283 -10.38 -19.89 -14.04
N ALA A 284 -11.07 -19.11 -13.21
CA ALA A 284 -11.81 -19.68 -12.09
C ALA A 284 -13.22 -20.13 -12.51
N ASP A 285 -13.58 -19.89 -13.76
CA ASP A 285 -14.92 -20.24 -14.25
C ASP A 285 -15.16 -21.74 -14.19
N ASP A 286 -16.43 -22.11 -13.98
CA ASP A 286 -16.85 -23.50 -13.95
C ASP A 286 -18.11 -23.67 -14.79
N TYR A 287 -17.92 -23.92 -16.08
CA TYR A 287 -19.02 -23.99 -17.03
C TYR A 287 -19.99 -25.12 -16.71
N GLU A 288 -19.48 -26.18 -16.09
CA GLU A 288 -20.33 -27.32 -15.72
C GLU A 288 -21.48 -26.88 -14.83
N ARG A 289 -21.14 -26.24 -13.71
CA ARG A 289 -22.14 -25.74 -12.77
C ARG A 289 -22.57 -24.30 -13.11
N GLU A 290 -22.12 -23.83 -14.26
CA GLU A 290 -22.42 -22.47 -14.73
C GLU A 290 -22.09 -21.41 -13.68
N SER A 291 -20.93 -21.57 -13.05
CA SER A 291 -20.44 -20.59 -12.10
C SER A 291 -19.35 -19.75 -12.75
N VAL A 292 -19.77 -18.69 -13.43
CA VAL A 292 -18.85 -17.83 -14.17
C VAL A 292 -18.86 -16.40 -13.63
N TYR A 293 -17.97 -15.58 -14.17
CA TYR A 293 -17.77 -14.21 -13.70
C TYR A 293 -18.82 -13.26 -14.29
N LEU A 294 -20.08 -13.50 -13.95
CA LEU A 294 -21.16 -12.59 -14.32
C LEU A 294 -21.32 -11.50 -13.27
N THR A 295 -21.66 -10.29 -13.74
CA THR A 295 -21.97 -9.18 -12.84
C THR A 295 -23.11 -8.36 -13.42
N VAL A 296 -23.82 -7.66 -12.54
CA VAL A 296 -24.90 -6.78 -12.94
C VAL A 296 -24.36 -5.42 -13.37
N THR A 297 -23.38 -4.91 -12.62
CA THR A 297 -22.90 -3.53 -12.78
C THR A 297 -21.55 -3.43 -13.48
N GLY A 298 -20.87 -4.57 -13.63
CA GLY A 298 -19.57 -4.59 -14.29
C GLY A 298 -18.41 -4.52 -13.32
N THR A 299 -18.69 -4.63 -12.03
CA THR A 299 -17.62 -4.61 -11.02
C THR A 299 -17.87 -5.60 -9.89
N SER A 300 -16.79 -6.20 -9.40
CA SER A 300 -16.85 -7.17 -8.31
C SER A 300 -17.28 -6.51 -7.00
N ALA A 301 -17.24 -5.18 -6.96
CA ALA A 301 -17.66 -4.43 -5.78
C ALA A 301 -19.10 -4.77 -5.41
N GLU A 302 -19.90 -5.13 -6.41
CA GLU A 302 -21.30 -5.50 -6.19
C GLU A 302 -21.43 -6.83 -5.47
N MET A 303 -20.33 -7.58 -5.41
CA MET A 303 -20.34 -8.94 -4.86
C MET A 303 -19.56 -9.05 -3.57
N GLY A 304 -19.39 -7.93 -2.87
CA GLY A 304 -18.76 -7.95 -1.56
C GLY A 304 -17.26 -7.67 -1.56
N ASP A 305 -16.69 -7.48 -2.74
CA ASP A 305 -15.28 -7.11 -2.84
C ASP A 305 -15.08 -5.68 -2.36
N ASP A 306 -14.18 -5.51 -1.39
CA ASP A 306 -13.92 -4.21 -0.80
C ASP A 306 -12.76 -3.49 -1.48
N GLY A 307 -12.63 -2.20 -1.22
CA GLY A 307 -11.56 -1.41 -1.79
C GLY A 307 -11.22 -0.19 -0.97
N SER A 308 -9.95 0.22 -1.06
CA SER A 308 -9.52 1.48 -0.45
C SER A 308 -8.37 2.07 -1.24
N VAL A 309 -7.90 3.25 -0.83
CA VAL A 309 -6.90 4.00 -1.58
C VAL A 309 -5.50 3.48 -1.32
N GLY A 310 -4.67 3.47 -2.36
CA GLY A 310 -3.28 3.08 -2.24
C GLY A 310 -3.07 1.59 -2.10
N ARG A 311 -4.04 0.81 -2.57
CA ARG A 311 -3.98 -0.65 -2.47
C ARG A 311 -3.66 -1.33 -3.80
N GLY A 312 -3.49 -0.54 -4.84
CA GLY A 312 -3.32 -1.07 -6.18
C GLY A 312 -2.15 -0.47 -6.95
N ASN A 313 -2.45 0.01 -8.15
CA ASN A 313 -1.42 0.49 -9.07
C ASN A 313 -0.64 1.67 -8.51
N ARG A 314 0.65 1.72 -8.87
CA ARG A 314 1.45 2.90 -8.65
C ARG A 314 1.12 3.92 -9.75
N VAL A 315 1.80 5.05 -9.76
CA VAL A 315 1.47 6.11 -10.72
C VAL A 315 1.80 5.69 -12.16
N ASN A 316 2.68 4.71 -12.32
CA ASN A 316 2.98 4.18 -13.65
C ASN A 316 1.89 3.22 -14.13
N GLY A 317 0.91 2.95 -13.25
CA GLY A 317 -0.25 2.15 -13.59
C GLY A 317 -0.06 0.66 -13.37
N LEU A 318 0.97 0.30 -12.59
CA LEU A 318 1.35 -1.09 -12.43
C LEU A 318 1.74 -1.47 -11.01
N ILE A 319 1.58 -2.75 -10.69
CA ILE A 319 2.04 -3.32 -9.43
C ILE A 319 3.19 -4.26 -9.75
N THR A 320 4.37 -3.94 -9.24
CA THR A 320 5.62 -4.54 -9.71
C THR A 320 6.56 -4.95 -8.57
N PRO A 321 6.47 -6.20 -8.12
CA PRO A 321 7.36 -6.69 -7.06
C PRO A 321 8.82 -6.84 -7.51
N PHE A 322 9.08 -6.81 -8.81
CA PHE A 322 10.45 -6.91 -9.33
C PHE A 322 11.07 -5.53 -9.56
N ARG A 323 10.29 -4.48 -9.28
CA ARG A 323 10.76 -3.10 -9.43
C ARG A 323 10.64 -2.38 -8.09
N PRO A 324 11.42 -1.30 -7.90
CA PRO A 324 11.23 -0.49 -6.69
C PRO A 324 9.85 0.16 -6.67
N MET A 325 9.25 0.25 -5.49
CA MET A 325 7.94 0.89 -5.34
C MET A 325 7.90 1.82 -4.14
N SER A 326 7.05 2.83 -4.23
CA SER A 326 6.73 3.68 -3.10
C SER A 326 5.37 3.29 -2.57
N MET A 327 5.20 3.36 -1.25
CA MET A 327 3.93 3.01 -0.62
C MET A 327 3.01 4.23 -0.50
N GLU A 328 3.52 5.39 -0.92
CA GLU A 328 2.73 6.62 -0.92
C GLU A 328 1.63 6.55 -1.97
N ALA A 329 0.40 6.78 -1.55
CA ALA A 329 -0.74 6.78 -2.47
C ALA A 329 -0.92 8.16 -3.08
N ALA A 330 -0.56 8.28 -4.36
CA ALA A 330 -0.62 9.57 -5.05
C ALA A 330 -2.03 10.11 -5.16
N SER A 331 -2.98 9.21 -5.43
CA SER A 331 -4.37 9.61 -5.66
C SER A 331 -4.98 10.32 -4.45
N GLY A 332 -5.46 11.54 -4.67
CA GLY A 332 -6.14 12.31 -3.65
C GLY A 332 -5.26 13.33 -2.95
N LYS A 333 -3.95 13.10 -2.94
CA LYS A 333 -3.02 14.04 -2.34
C LYS A 333 -2.99 15.33 -3.15
N ASN A 334 -2.79 16.47 -2.51
CA ASN A 334 -2.84 17.74 -3.24
C ASN A 334 -1.62 17.93 -4.12
N PRO A 335 -1.80 18.52 -5.31
CA PRO A 335 -0.70 18.71 -6.25
C PRO A 335 0.19 19.89 -5.91
N VAL A 336 -0.06 20.54 -4.77
CA VAL A 336 0.68 21.74 -4.41
C VAL A 336 1.96 21.42 -3.66
N ASN A 337 1.87 20.66 -2.58
CA ASN A 337 3.03 20.43 -1.72
C ASN A 337 3.15 19.02 -1.13
N HIS A 338 2.37 18.07 -1.64
CA HIS A 338 2.50 16.69 -1.18
C HIS A 338 3.41 15.90 -2.12
N VAL A 339 4.61 15.62 -1.64
CA VAL A 339 5.62 14.95 -2.46
C VAL A 339 5.23 13.51 -2.76
N GLY A 340 4.41 12.92 -1.90
CA GLY A 340 3.89 11.58 -2.12
C GLY A 340 3.22 11.46 -3.48
N LYS A 341 2.67 12.56 -3.95
CA LYS A 341 2.11 12.64 -5.29
C LYS A 341 3.16 13.14 -6.29
N ILE A 342 3.77 14.27 -5.96
CA ILE A 342 4.65 14.98 -6.89
C ILE A 342 5.89 14.16 -7.26
N TYR A 343 6.59 13.64 -6.26
CA TYR A 343 7.84 12.93 -6.50
C TYR A 343 7.66 11.60 -7.22
N ASN A 344 6.53 10.95 -7.01
CA ASN A 344 6.24 9.72 -7.74
C ASN A 344 6.01 10.00 -9.22
N ILE A 345 5.34 11.10 -9.52
CA ILE A 345 5.17 11.54 -10.91
C ILE A 345 6.50 12.01 -11.47
N LEU A 346 7.19 12.85 -10.70
CA LEU A 346 8.44 13.45 -11.14
C LEU A 346 9.51 12.40 -11.41
N ALA A 347 9.57 11.39 -10.54
CA ALA A 347 10.56 10.33 -10.66
C ALA A 347 10.43 9.59 -11.99
N ASN A 348 9.20 9.38 -12.44
CA ASN A 348 8.96 8.65 -13.67
C ASN A 348 9.27 9.49 -14.91
N LEU A 349 9.03 10.80 -14.82
CA LEU A 349 9.36 11.71 -15.91
C LEU A 349 10.86 11.79 -16.10
N ILE A 350 11.59 11.84 -14.99
CA ILE A 350 13.05 11.91 -15.03
C ILE A 350 13.63 10.60 -15.55
N ALA A 351 13.13 9.48 -15.03
CA ALA A 351 13.60 8.17 -15.47
C ALA A 351 13.34 7.97 -16.94
N ASN A 352 12.24 8.53 -17.43
CA ASN A 352 11.87 8.40 -18.83
C ASN A 352 12.90 9.07 -19.74
N ASP A 353 13.29 10.29 -19.43
CA ASP A 353 14.25 11.04 -20.24
C ASP A 353 15.64 10.42 -20.21
N ILE A 354 16.08 10.02 -19.02
CA ILE A 354 17.38 9.39 -18.87
C ILE A 354 17.47 8.11 -19.70
N ALA A 355 16.34 7.42 -19.82
CA ALA A 355 16.28 6.17 -20.57
C ALA A 355 16.43 6.42 -22.08
N LYS A 356 16.13 7.64 -22.52
CA LYS A 356 16.27 7.99 -23.92
C LYS A 356 17.74 8.11 -24.32
N LEU A 357 18.59 8.38 -23.34
CA LEU A 357 20.02 8.53 -23.60
C LEU A 357 20.62 7.24 -24.15
N GLU A 358 21.46 7.37 -25.18
CA GLU A 358 22.18 6.24 -25.73
C GLU A 358 23.18 5.73 -24.70
N GLY A 359 23.21 4.42 -24.51
CA GLY A 359 24.09 3.80 -23.53
C GLY A 359 23.35 3.42 -22.26
N VAL A 360 22.16 3.98 -22.07
CA VAL A 360 21.32 3.64 -20.92
C VAL A 360 20.33 2.54 -21.28
N LYS A 361 20.42 1.42 -20.57
CA LYS A 361 19.49 0.31 -20.78
C LYS A 361 18.29 0.43 -19.85
N GLU A 362 18.55 0.71 -18.58
CA GLU A 362 17.52 0.91 -17.58
C GLU A 362 17.89 2.03 -16.63
N CYS A 363 16.88 2.74 -16.14
CA CYS A 363 17.08 3.82 -15.19
C CYS A 363 16.10 3.72 -14.03
N TYR A 364 16.59 3.91 -12.81
CA TYR A 364 15.75 3.94 -11.61
C TYR A 364 15.94 5.26 -10.88
N VAL A 365 14.82 5.91 -10.55
CA VAL A 365 14.85 7.20 -9.87
C VAL A 365 14.08 7.15 -8.57
N ARG A 366 14.75 7.50 -7.48
CA ARG A 366 14.14 7.60 -6.16
C ARG A 366 14.40 8.99 -5.60
N ILE A 367 13.32 9.67 -5.19
CA ILE A 367 13.42 11.06 -4.74
C ILE A 367 12.88 11.19 -3.31
N LEU A 368 13.75 11.64 -2.40
CA LEU A 368 13.41 11.77 -0.99
C LEU A 368 13.32 13.23 -0.57
N SER A 369 12.23 13.59 0.10
CA SER A 369 12.03 14.93 0.60
C SER A 369 12.42 15.05 2.06
N GLN A 370 12.41 16.28 2.56
CA GLN A 370 12.43 16.54 4.00
C GLN A 370 11.33 17.56 4.29
N ILE A 371 10.39 17.18 5.15
CA ILE A 371 9.25 18.03 5.46
C ILE A 371 9.73 19.38 5.98
N GLY A 372 9.29 20.45 5.31
CA GLY A 372 9.69 21.80 5.66
C GLY A 372 10.59 22.42 4.61
N LYS A 373 11.14 21.59 3.72
CA LYS A 373 12.02 22.08 2.65
C LYS A 373 11.24 22.25 1.34
N PRO A 374 11.66 23.21 0.51
CA PRO A 374 11.01 23.41 -0.79
C PRO A 374 10.96 22.12 -1.62
N ILE A 375 9.83 21.89 -2.29
CA ILE A 375 9.62 20.65 -3.03
C ILE A 375 10.64 20.45 -4.14
N ASN A 376 11.28 21.54 -4.57
CA ASN A 376 12.31 21.46 -5.60
C ASN A 376 13.70 21.38 -4.97
N PRO A 378 14.95 18.48 -2.93
CA PRO A 378 14.88 17.17 -2.24
C PRO A 378 16.07 16.93 -1.33
N LYS A 379 15.86 16.17 -0.27
CA LYS A 379 16.96 15.76 0.61
C LYS A 379 17.96 14.94 -0.19
N ALA A 380 17.45 14.20 -1.17
CA ALA A 380 18.29 13.39 -2.03
C ALA A 380 17.51 12.95 -3.26
N LEU A 381 18.09 13.15 -4.44
CA LEU A 381 17.54 12.63 -5.69
C LEU A 381 18.47 11.53 -6.19
N ASP A 382 18.00 10.30 -6.12
CA ASP A 382 18.83 9.13 -6.37
C ASP A 382 18.60 8.57 -7.76
N ILE A 383 19.68 8.26 -8.47
CA ILE A 383 19.61 7.74 -9.84
C ILE A 383 20.50 6.52 -10.02
N GLU A 384 19.90 5.40 -10.39
CA GLU A 384 20.64 4.20 -10.73
C GLU A 384 20.48 3.89 -12.21
N ILE A 385 21.58 3.56 -12.87
CA ILE A 385 21.59 3.34 -14.31
C ILE A 385 22.27 2.03 -14.68
N ILE A 386 21.54 1.18 -15.40
CA ILE A 386 22.12 0.00 -16.02
C ILE A 386 22.57 0.39 -17.42
N THR A 387 23.88 0.44 -17.63
CA THR A 387 24.43 0.86 -18.90
C THR A 387 24.42 -0.27 -19.92
N GLU A 388 24.46 0.08 -21.20
CA GLU A 388 24.72 -0.89 -22.26
C GLU A 388 26.13 -1.40 -22.06
N ASP A 389 26.38 -2.66 -22.40
CA ASP A 389 27.62 -3.34 -22.03
C ASP A 389 28.91 -2.68 -22.54
N SER A 390 28.79 -1.67 -23.39
CA SER A 390 29.96 -1.00 -23.96
C SER A 390 29.88 0.51 -23.80
N TYR A 391 29.45 0.98 -22.63
CA TYR A 391 29.35 2.41 -22.37
C TYR A 391 29.86 2.78 -20.98
N ASP A 392 30.39 3.99 -20.86
CA ASP A 392 30.92 4.49 -19.60
C ASP A 392 29.84 5.29 -18.85
N ILE A 393 29.72 5.04 -17.55
CA ILE A 393 28.75 5.75 -16.74
C ILE A 393 29.15 7.21 -16.58
N LYS A 394 30.44 7.49 -16.68
CA LYS A 394 30.95 8.85 -16.52
C LYS A 394 30.57 9.72 -17.71
N ASP A 395 30.23 9.09 -18.84
CA ASP A 395 29.73 9.82 -19.99
C ASP A 395 28.23 10.09 -19.83
N ILE A 396 27.55 9.25 -19.05
CA ILE A 396 26.12 9.35 -18.87
C ILE A 396 25.76 10.18 -17.65
N GLU A 397 26.59 10.08 -16.61
CA GLU A 397 26.31 10.72 -15.32
C GLU A 397 26.03 12.22 -15.41
N PRO A 398 26.83 12.95 -16.19
CA PRO A 398 26.55 14.39 -16.29
C PRO A 398 25.24 14.68 -16.99
N LYS A 399 24.90 13.87 -17.99
CA LYS A 399 23.65 14.02 -18.72
C LYS A 399 22.47 13.72 -17.82
N ALA A 400 22.67 12.82 -16.86
CA ALA A 400 21.60 12.44 -15.93
C ALA A 400 21.30 13.57 -14.96
N LYS A 401 22.33 14.10 -14.32
CA LYS A 401 22.15 15.16 -13.33
C LYS A 401 21.53 16.41 -13.96
N GLU A 402 21.83 16.64 -15.23
CA GLU A 402 21.26 17.78 -15.94
C GLU A 402 19.76 17.57 -16.14
N ILE A 403 19.39 16.36 -16.56
CA ILE A 403 17.99 16.01 -16.76
C ILE A 403 17.21 16.15 -15.46
N ALA A 404 17.81 15.69 -14.36
CA ALA A 404 17.17 15.76 -13.05
C ALA A 404 17.01 17.20 -12.60
N ASN A 405 18.03 18.02 -12.85
CA ASN A 405 17.99 19.43 -12.48
C ASN A 405 16.94 20.20 -13.28
N LYS A 406 16.89 19.94 -14.58
CA LYS A 406 15.94 20.61 -15.46
C LYS A 406 14.51 20.34 -15.01
N TRP A 407 14.26 19.11 -14.55
CA TRP A 407 12.93 18.71 -14.12
C TRP A 407 12.58 19.32 -12.77
N LEU A 408 13.56 19.43 -11.89
CA LEU A 408 13.35 20.07 -10.60
C LEU A 408 13.10 21.56 -10.78
N ASP A 409 13.74 22.15 -11.78
CA ASP A 409 13.52 23.56 -12.11
C ASP A 409 12.08 23.79 -12.57
N ASN A 410 11.55 22.83 -13.34
CA ASN A 410 10.20 22.94 -13.88
C ASN A 410 9.22 22.04 -13.14
N ILE A 411 9.39 21.94 -11.83
CA ILE A 411 8.53 21.10 -11.01
C ILE A 411 7.10 21.62 -11.00
N MET A 412 6.94 22.93 -11.15
CA MET A 412 5.62 23.55 -11.09
C MET A 412 4.79 23.21 -12.34
N GLU A 413 5.47 22.91 -13.44
CA GLU A 413 4.78 22.51 -14.66
C GLU A 413 4.24 21.10 -14.50
N VAL A 414 4.90 20.31 -13.66
CA VAL A 414 4.43 18.96 -13.34
C VAL A 414 3.13 19.07 -12.56
N GLN A 415 3.10 19.99 -11.60
CA GLN A 415 1.90 20.25 -10.81
C GLN A 415 0.74 20.63 -11.72
N LYS A 416 1.02 21.44 -12.73
CA LYS A 416 0.01 21.83 -13.71
C LYS A 416 -0.53 20.60 -14.46
N MET A 417 0.37 19.73 -14.89
CA MET A 417 -0.01 18.54 -15.64
C MET A 417 -0.95 17.64 -14.83
N ILE A 418 -0.72 17.58 -13.52
CA ILE A 418 -1.53 16.75 -12.63
C ILE A 418 -2.93 17.33 -12.49
N VAL A 419 -3.01 18.63 -12.24
CA VAL A 419 -4.29 19.32 -12.11
C VAL A 419 -5.09 19.20 -13.41
N GLU A 420 -4.40 19.45 -14.52
CA GLU A 420 -5.03 19.39 -15.83
C GLU A 420 -5.36 17.96 -16.24
N GLY A 421 -4.86 17.00 -15.46
CA GLY A 421 -5.16 15.60 -15.70
C GLY A 421 -4.42 15.03 -16.89
N LYS A 422 -3.30 15.64 -17.24
CA LYS A 422 -2.47 15.15 -18.34
C LYS A 422 -1.69 13.91 -17.92
N VAL A 423 -1.69 13.63 -16.62
CA VAL A 423 -1.09 12.42 -16.07
C VAL A 423 -2.02 11.81 -15.03
N THR A 424 -1.96 10.49 -14.89
CA THR A 424 -2.79 9.78 -13.92
C THR A 424 -1.99 9.39 -12.68
N THR A 425 -2.69 8.98 -11.64
CA THR A 425 -2.07 8.61 -10.37
C THR A 425 -2.20 7.12 -10.07
N PHE A 426 -2.73 6.37 -11.03
CA PHE A 426 -2.92 4.93 -10.87
C PHE A 426 -3.20 4.29 -12.23
N MET B 21 10.60 -33.80 -1.32
CA MET B 21 10.95 -33.14 -2.61
C MET B 21 9.96 -32.02 -2.93
N ARG B 22 10.46 -30.79 -2.99
CA ARG B 22 9.66 -29.63 -3.34
C ARG B 22 10.41 -28.81 -4.40
N ASN B 23 9.72 -27.85 -5.01
CA ASN B 23 10.33 -27.02 -6.04
C ASN B 23 11.22 -25.93 -5.44
N ILE B 24 12.16 -26.35 -4.60
CA ILE B 24 13.06 -25.41 -3.95
C ILE B 24 14.34 -25.23 -4.78
N ILE B 25 14.66 -23.97 -5.02
CA ILE B 25 15.76 -23.57 -5.89
C ILE B 25 16.76 -22.73 -5.14
N VAL B 26 18.03 -23.11 -5.19
CA VAL B 26 19.10 -22.29 -4.62
C VAL B 26 20.01 -21.77 -5.73
N LYS B 27 20.25 -20.46 -5.70
CA LYS B 27 21.11 -19.81 -6.68
C LYS B 27 22.04 -18.80 -6.00
N LYS B 28 23.30 -18.81 -6.42
CA LYS B 28 24.27 -17.83 -5.95
C LYS B 28 23.98 -16.49 -6.61
N LEU B 29 23.86 -15.45 -5.80
CA LEU B 29 23.58 -14.11 -6.30
C LEU B 29 24.88 -13.30 -6.30
N ASP B 30 25.42 -13.06 -7.49
CA ASP B 30 26.69 -12.37 -7.62
C ASP B 30 26.50 -10.86 -7.75
N VAL B 31 25.93 -10.26 -6.71
CA VAL B 31 25.75 -8.81 -6.65
C VAL B 31 26.25 -8.30 -5.30
N GLU B 32 26.38 -6.99 -5.18
CA GLU B 32 26.70 -6.37 -3.89
C GLU B 32 25.48 -6.45 -2.99
N PRO B 33 25.66 -6.79 -1.71
CA PRO B 33 24.52 -6.69 -0.80
C PRO B 33 24.12 -5.23 -0.57
N ILE B 34 22.89 -5.00 -0.13
CA ILE B 34 22.41 -3.64 0.10
C ILE B 34 23.32 -2.91 1.09
N GLU B 35 23.83 -3.65 2.07
CA GLU B 35 24.74 -3.09 3.07
C GLU B 35 25.93 -2.39 2.43
N GLU B 36 26.34 -2.87 1.27
CA GLU B 36 27.55 -2.39 0.61
C GLU B 36 27.25 -1.48 -0.58
N ARG B 37 25.98 -1.35 -0.94
CA ARG B 37 25.59 -0.42 -2.00
C ARG B 37 25.79 1.02 -1.50
N PRO B 38 25.90 1.98 -2.43
CA PRO B 38 26.20 3.35 -2.02
C PRO B 38 25.04 4.07 -1.30
N THR B 39 23.81 3.85 -1.74
CA THR B 39 22.65 4.56 -1.19
C THR B 39 21.59 3.60 -0.63
N GLU B 40 20.84 4.08 0.36
CA GLU B 40 19.75 3.33 0.93
C GLU B 40 18.68 4.26 1.52
N ILE B 41 17.42 3.88 1.36
CA ILE B 41 16.30 4.62 1.94
C ILE B 41 15.33 3.64 2.59
N VAL B 42 15.03 3.86 3.87
CA VAL B 42 14.11 3.02 4.62
C VAL B 42 13.15 3.89 5.44
N GLU B 43 11.87 3.54 5.43
CA GLU B 43 10.87 4.24 6.24
C GLU B 43 10.08 3.25 7.10
N ARG B 44 9.68 3.69 8.29
CA ARG B 44 8.79 2.92 9.13
C ARG B 44 7.72 3.82 9.75
N LYS B 45 6.47 3.36 9.67
CA LYS B 45 5.35 4.04 10.32
C LYS B 45 5.09 3.36 11.66
N GLY B 46 5.31 4.11 12.74
CA GLY B 46 5.18 3.58 14.09
C GLY B 46 3.75 3.24 14.46
N LEU B 47 3.58 2.65 15.63
CA LEU B 47 2.30 2.11 16.07
C LEU B 47 1.18 3.14 16.14
N GLY B 48 1.54 4.39 16.44
CA GLY B 48 0.55 5.45 16.60
C GLY B 48 0.22 6.18 15.31
N HIS B 49 0.92 5.88 14.23
CA HIS B 49 0.62 6.46 12.94
C HIS B 49 -0.72 5.91 12.44
N PRO B 50 -1.60 6.77 11.90
CA PRO B 50 -2.94 6.34 11.50
C PRO B 50 -2.97 5.10 10.59
N ASP B 51 -2.06 5.05 9.62
CA ASP B 51 -1.99 3.91 8.71
C ASP B 51 -1.66 2.63 9.46
N SER B 52 -0.74 2.73 10.43
CA SER B 52 -0.33 1.58 11.22
C SER B 52 -1.39 1.21 12.25
N ILE B 53 -2.17 2.19 12.69
CA ILE B 53 -3.30 1.91 13.59
C ILE B 53 -4.29 1.01 12.86
N CYS B 54 -4.58 1.34 11.60
CA CYS B 54 -5.51 0.55 10.81
C CYS B 54 -5.00 -0.86 10.57
N ASP B 55 -3.73 -1.00 10.21
CA ASP B 55 -3.12 -2.31 10.03
C ASP B 55 -3.23 -3.14 11.30
N GLY B 56 -2.92 -2.53 12.44
CA GLY B 56 -2.98 -3.21 13.72
C GLY B 56 -4.39 -3.63 14.09
N ILE B 57 -5.36 -2.75 13.87
CA ILE B 57 -6.76 -3.09 14.11
C ILE B 57 -7.19 -4.23 13.19
N ALA B 58 -6.87 -4.11 11.92
CA ALA B 58 -7.24 -5.10 10.92
C ALA B 58 -6.77 -6.50 11.31
N GLU B 59 -5.54 -6.59 11.81
CA GLU B 59 -4.96 -7.87 12.17
C GLU B 59 -5.50 -8.35 13.52
N SER B 60 -5.71 -7.40 14.43
CA SER B 60 -6.28 -7.72 15.74
C SER B 60 -7.70 -8.29 15.61
N VAL B 61 -8.45 -7.75 14.65
CA VAL B 61 -9.80 -8.25 14.40
C VAL B 61 -9.74 -9.67 13.86
N SER B 62 -8.80 -9.92 12.94
CA SER B 62 -8.63 -11.24 12.35
C SER B 62 -8.27 -12.27 13.42
N ARG B 63 -7.28 -11.94 14.24
CA ARG B 63 -6.86 -12.83 15.32
C ARG B 63 -8.01 -13.10 16.29
N ALA B 64 -8.79 -12.06 16.57
CA ALA B 64 -9.92 -12.19 17.48
C ALA B 64 -10.94 -13.19 16.91
N LEU B 65 -11.27 -13.04 15.64
CA LEU B 65 -12.21 -13.94 14.98
C LEU B 65 -11.65 -15.36 14.91
N CYS B 66 -10.34 -15.47 14.69
CA CYS B 66 -9.69 -16.78 14.68
C CYS B 66 -9.93 -17.49 16.00
N LYS B 67 -9.66 -16.81 17.09
CA LYS B 67 -9.89 -17.36 18.43
C LYS B 67 -11.37 -17.69 18.62
N MET B 68 -12.25 -16.84 18.07
CA MET B 68 -13.69 -17.06 18.15
C MET B 68 -14.09 -18.34 17.43
N TYR B 69 -13.57 -18.53 16.22
CA TYR B 69 -13.93 -19.69 15.41
C TYR B 69 -13.43 -20.98 16.04
N MET B 70 -12.22 -20.96 16.58
CA MET B 70 -11.62 -22.15 17.17
C MET B 70 -12.31 -22.55 18.47
N GLU B 71 -12.84 -21.57 19.18
CA GLU B 71 -13.44 -21.81 20.49
C GLU B 71 -14.83 -22.47 20.40
N LYS B 72 -15.40 -22.47 19.20
CA LYS B 72 -16.71 -23.08 19.00
C LYS B 72 -16.69 -24.22 17.98
N PHE B 73 -15.63 -24.28 17.17
CA PHE B 73 -15.53 -25.29 16.13
C PHE B 73 -14.18 -26.02 16.10
N GLY B 74 -13.19 -25.45 16.79
CA GLY B 74 -11.86 -26.04 16.81
C GLY B 74 -11.14 -25.87 15.49
N THR B 75 -11.56 -24.88 14.71
CA THR B 75 -10.91 -24.55 13.45
C THR B 75 -11.21 -23.10 13.09
N ILE B 76 -10.67 -22.64 11.96
CA ILE B 76 -10.83 -21.26 11.52
C ILE B 76 -11.64 -21.21 10.22
N LEU B 77 -12.72 -20.44 10.24
CA LEU B 77 -13.58 -20.28 9.07
C LEU B 77 -13.18 -19.03 8.29
N HIS B 78 -13.67 -18.92 7.07
CA HIS B 78 -13.20 -17.87 6.17
C HIS B 78 -13.60 -16.48 6.64
N HIS B 79 -12.68 -15.53 6.43
CA HIS B 79 -12.91 -14.14 6.77
C HIS B 79 -11.80 -13.30 6.14
N ASN B 80 -12.02 -12.00 6.09
CA ASN B 80 -10.98 -11.06 5.70
C ASN B 80 -11.37 -9.68 6.20
N THR B 81 -10.61 -9.19 7.18
CA THR B 81 -10.90 -7.91 7.80
C THR B 81 -9.75 -6.94 7.52
N ASP B 82 -9.22 -7.03 6.31
CA ASP B 82 -8.12 -6.20 5.85
C ASP B 82 -8.61 -4.88 5.29
N GLN B 83 -9.71 -4.38 5.85
CA GLN B 83 -10.34 -3.14 5.40
C GLN B 83 -10.76 -2.31 6.60
N VAL B 84 -9.95 -1.31 6.93
CA VAL B 84 -10.21 -0.44 8.07
C VAL B 84 -9.89 1.00 7.69
N GLU B 85 -10.85 1.88 7.91
CA GLU B 85 -10.72 3.29 7.55
C GLU B 85 -10.75 4.17 8.79
N LEU B 86 -9.67 4.91 9.02
CA LEU B 86 -9.60 5.85 10.13
C LEU B 86 -9.83 7.26 9.64
N VAL B 87 -10.90 7.88 10.11
CA VAL B 87 -11.20 9.26 9.78
C VAL B 87 -10.74 10.16 10.93
N GLY B 88 -9.85 11.08 10.63
CA GLY B 88 -9.32 11.98 11.63
C GLY B 88 -10.42 12.75 12.34
N GLY B 89 -10.26 12.92 13.65
CA GLY B 89 -11.22 13.66 14.45
C GLY B 89 -10.98 15.15 14.40
N HIS B 90 -11.35 15.83 15.47
CA HIS B 90 -11.14 17.27 15.60
C HIS B 90 -10.54 17.54 16.98
N ALA B 91 -9.52 18.40 17.02
CA ALA B 91 -8.79 18.66 18.26
C ALA B 91 -8.18 20.05 18.28
N TYR B 92 -7.83 20.50 19.47
CA TYR B 92 -7.20 21.80 19.68
C TYR B 92 -6.03 21.65 20.64
N PRO B 93 -4.82 21.42 20.10
CA PRO B 93 -3.63 21.32 20.95
C PRO B 93 -3.29 22.63 21.66
N LYS B 94 -2.86 22.54 22.90
CA LYS B 94 -2.45 23.70 23.67
C LYS B 94 -1.44 23.28 24.73
N PHE B 95 -0.42 24.11 24.93
CA PHE B 95 0.61 23.82 25.92
C PHE B 95 0.00 23.68 27.31
N GLY B 96 0.32 22.59 27.99
CA GLY B 96 -0.14 22.35 29.35
C GLY B 96 -1.40 21.52 29.43
N GLY B 97 -2.11 21.41 28.31
CA GLY B 97 -3.37 20.67 28.28
C GLY B 97 -4.22 21.07 27.09
N GLY B 98 -4.60 20.09 26.28
CA GLY B 98 -5.35 20.34 25.07
C GLY B 98 -6.77 19.83 25.15
N VAL B 99 -7.53 20.08 24.09
CA VAL B 99 -8.92 19.67 24.02
C VAL B 99 -9.16 18.72 22.84
N MET B 100 -9.74 17.57 23.14
CA MET B 100 -10.23 16.66 22.10
C MET B 100 -11.67 17.04 21.78
N VAL B 101 -11.86 17.69 20.64
CA VAL B 101 -13.17 18.26 20.29
C VAL B 101 -14.17 17.21 19.84
N SER B 102 -13.77 16.40 18.86
CA SER B 102 -14.66 15.42 18.24
C SER B 102 -13.90 14.13 17.98
N PRO B 103 -14.52 12.97 18.26
CA PRO B 103 -13.80 11.70 18.25
C PRO B 103 -13.27 11.25 16.89
N ILE B 104 -12.24 10.40 16.94
CA ILE B 104 -11.76 9.71 15.75
C ILE B 104 -12.80 8.68 15.34
N TYR B 105 -13.14 8.65 14.05
CA TYR B 105 -14.09 7.67 13.53
C TYR B 105 -13.37 6.56 12.77
N ILE B 106 -13.46 5.34 13.30
CA ILE B 106 -12.87 4.18 12.66
C ILE B 106 -13.97 3.23 12.16
N LEU B 107 -13.88 2.89 10.88
CA LEU B 107 -14.83 1.97 10.26
C LEU B 107 -14.20 0.60 10.01
N LEU B 108 -14.76 -0.43 10.64
CA LEU B 108 -14.34 -1.80 10.38
C LEU B 108 -15.10 -2.35 9.19
N SER B 109 -14.38 -2.94 8.25
CA SER B 109 -15.00 -3.54 7.06
C SER B 109 -14.35 -4.88 6.75
N GLY B 110 -14.73 -5.47 5.62
CA GLY B 110 -14.28 -6.79 5.25
C GLY B 110 -15.44 -7.77 5.28
N ARG B 111 -15.14 -9.06 5.40
CA ARG B 111 -16.15 -10.10 5.43
C ARG B 111 -15.77 -11.19 6.42
N ALA B 112 -16.76 -11.94 6.88
CA ALA B 112 -16.53 -13.02 7.82
C ALA B 112 -17.72 -13.96 7.89
N THR B 113 -17.44 -15.25 8.09
CA THR B 113 -18.49 -16.25 8.27
C THR B 113 -19.19 -16.02 9.59
N MET B 114 -20.52 -15.93 9.55
CA MET B 114 -21.31 -15.59 10.73
C MET B 114 -22.29 -16.70 11.13
N GLU B 115 -23.09 -17.17 10.18
CA GLU B 115 -24.11 -18.19 10.49
C GLU B 115 -23.87 -19.50 9.75
N ILE B 116 -23.90 -20.59 10.52
CA ILE B 116 -23.66 -21.93 9.98
C ILE B 116 -24.98 -22.69 9.82
N LEU B 117 -25.26 -23.13 8.61
CA LEU B 117 -26.49 -23.87 8.32
C LEU B 117 -26.25 -25.39 8.35
N ASP B 118 -26.91 -26.05 9.30
CA ASP B 118 -26.83 -27.50 9.42
C ASP B 118 -28.16 -28.12 9.01
N LYS B 119 -28.21 -28.64 7.79
CA LYS B 119 -29.44 -29.23 7.25
C LYS B 119 -29.82 -30.50 8.00
N GLU B 120 -28.82 -31.27 8.39
CA GLU B 120 -29.04 -32.55 9.06
C GLU B 120 -29.67 -32.33 10.43
N LYS B 121 -29.09 -31.44 11.23
CA LYS B 121 -29.63 -31.12 12.55
C LYS B 121 -30.73 -30.07 12.48
N ASN B 122 -30.96 -29.54 11.28
CA ASN B 122 -31.95 -28.48 11.07
C ASN B 122 -31.76 -27.35 12.06
N GLU B 123 -30.54 -26.80 12.09
CA GLU B 123 -30.15 -25.83 13.10
C GLU B 123 -29.22 -24.77 12.52
N VAL B 124 -29.37 -23.55 12.99
CA VAL B 124 -28.51 -22.44 12.59
C VAL B 124 -27.67 -21.99 13.79
N ILE B 125 -26.38 -21.80 13.54
CA ILE B 125 -25.44 -21.37 14.58
C ILE B 125 -24.82 -20.04 14.19
N LYS B 126 -25.17 -18.99 14.94
CA LYS B 126 -24.67 -17.65 14.65
C LYS B 126 -23.53 -17.27 15.58
N LEU B 127 -22.48 -16.68 15.01
CA LEU B 127 -21.27 -16.33 15.74
C LEU B 127 -21.15 -14.82 15.94
N PRO B 128 -20.54 -14.40 17.06
CA PRO B 128 -20.44 -12.97 17.37
C PRO B 128 -19.33 -12.26 16.58
N VAL B 129 -19.52 -12.13 15.27
CA VAL B 129 -18.52 -11.50 14.42
C VAL B 129 -18.41 -10.00 14.70
N GLY B 130 -19.52 -9.30 14.60
CA GLY B 130 -19.54 -7.86 14.75
C GLY B 130 -19.08 -7.39 16.13
N THR B 131 -19.59 -8.03 17.16
CA THR B 131 -19.27 -7.68 18.53
C THR B 131 -17.82 -8.03 18.86
N THR B 132 -17.32 -9.13 18.31
CA THR B 132 -15.93 -9.53 18.51
C THR B 132 -14.99 -8.53 17.85
N ALA B 133 -15.33 -8.12 16.63
CA ALA B 133 -14.52 -7.18 15.88
C ALA B 133 -14.41 -5.84 16.59
N VAL B 134 -15.54 -5.31 17.05
CA VAL B 134 -15.57 -4.03 17.75
C VAL B 134 -14.74 -4.08 19.03
N LYS B 135 -14.88 -5.17 19.78
CA LYS B 135 -14.14 -5.33 21.03
C LYS B 135 -12.65 -5.46 20.76
N ALA B 136 -12.29 -6.25 19.75
CA ALA B 136 -10.89 -6.44 19.40
C ALA B 136 -10.25 -5.11 19.03
N ALA B 137 -10.95 -4.34 18.19
CA ALA B 137 -10.42 -3.06 17.73
C ALA B 137 -10.23 -2.09 18.90
N LYS B 138 -11.19 -2.10 19.83
CA LYS B 138 -11.16 -1.20 20.96
C LYS B 138 -10.03 -1.55 21.93
N GLU B 139 -9.84 -2.84 22.18
CA GLU B 139 -8.81 -3.30 23.10
C GLU B 139 -7.41 -3.07 22.55
N TYR B 140 -7.27 -3.10 21.23
CA TYR B 140 -5.97 -2.84 20.62
C TYR B 140 -5.59 -1.37 20.78
N LEU B 141 -6.55 -0.48 20.53
CA LEU B 141 -6.33 0.95 20.71
C LEU B 141 -5.95 1.27 22.14
N LYS B 142 -6.61 0.61 23.09
CA LYS B 142 -6.32 0.79 24.50
C LYS B 142 -4.85 0.50 24.82
N LYS B 143 -4.31 -0.52 24.15
CA LYS B 143 -2.94 -0.96 24.42
C LYS B 143 -1.90 0.02 23.89
N VAL B 144 -2.09 0.51 22.67
CA VAL B 144 -1.05 1.26 21.98
C VAL B 144 -1.16 2.77 22.13
N LEU B 145 -2.35 3.29 22.43
CA LEU B 145 -2.54 4.73 22.61
C LEU B 145 -2.73 5.08 24.09
N ARG B 146 -1.63 5.46 24.73
CA ARG B 146 -1.61 5.75 26.16
C ARG B 146 -2.47 6.95 26.54
N ASN B 147 -2.44 7.99 25.73
CA ASN B 147 -3.09 9.25 26.05
C ASN B 147 -4.42 9.44 25.31
N VAL B 148 -5.07 8.32 25.00
CA VAL B 148 -6.40 8.34 24.39
C VAL B 148 -7.40 7.67 25.31
N ASP B 149 -8.55 8.33 25.48
CA ASP B 149 -9.68 7.73 26.17
C ASP B 149 -10.64 7.18 25.12
N VAL B 150 -10.60 5.86 24.92
CA VAL B 150 -11.37 5.23 23.86
C VAL B 150 -12.87 5.28 24.10
N ASP B 151 -13.28 5.64 25.32
CA ASP B 151 -14.69 5.79 25.64
C ASP B 151 -15.28 7.03 25.01
N LYS B 152 -14.44 8.05 24.80
CA LYS B 152 -14.93 9.35 24.34
C LYS B 152 -14.17 9.87 23.11
N ASP B 153 -12.95 9.38 22.91
CA ASP B 153 -12.10 9.89 21.84
C ASP B 153 -12.23 9.13 20.52
N VAL B 154 -12.81 7.94 20.57
CA VAL B 154 -12.89 7.08 19.37
C VAL B 154 -14.30 6.52 19.15
N ILE B 155 -14.70 6.50 17.88
CA ILE B 155 -15.90 5.80 17.45
C ILE B 155 -15.47 4.58 16.64
N ILE B 156 -15.89 3.38 17.08
CA ILE B 156 -15.60 2.17 16.34
C ILE B 156 -16.89 1.65 15.71
N ASP B 157 -17.04 1.92 14.42
CA ASP B 157 -18.21 1.50 13.65
C ASP B 157 -17.89 0.21 12.91
N CYS B 158 -18.93 -0.53 12.51
CA CYS B 158 -18.74 -1.83 11.87
C CYS B 158 -19.70 -2.05 10.71
N ARG B 159 -19.14 -2.38 9.55
CA ARG B 159 -19.94 -2.76 8.39
C ARG B 159 -19.34 -4.01 7.75
N ILE B 160 -18.83 -4.91 8.57
CA ILE B 160 -18.27 -6.17 8.10
C ILE B 160 -19.39 -7.04 7.52
N GLY B 161 -19.17 -7.53 6.30
CA GLY B 161 -20.11 -8.44 5.68
C GLY B 161 -20.17 -9.77 6.41
N GLN B 162 -21.34 -10.13 6.90
CA GLN B 162 -21.52 -11.33 7.70
C GLN B 162 -22.20 -12.42 6.88
N GLY B 163 -21.41 -13.34 6.34
CA GLY B 163 -21.91 -14.37 5.44
C GLY B 163 -22.23 -15.68 6.12
N SER B 164 -22.69 -16.64 5.31
CA SER B 164 -23.11 -17.94 5.80
C SER B 164 -22.25 -19.07 5.23
N MET B 165 -22.38 -20.25 5.82
CA MET B 165 -21.62 -21.42 5.38
C MET B 165 -22.33 -22.70 5.80
N ASP B 166 -22.31 -23.70 4.93
CA ASP B 166 -22.89 -25.00 5.25
C ASP B 166 -22.00 -25.72 6.26
N LEU B 167 -22.61 -26.41 7.21
CA LEU B 167 -21.86 -27.05 8.28
C LEU B 167 -21.07 -28.25 7.76
N VAL B 168 -21.44 -28.76 6.59
CA VAL B 168 -20.68 -29.83 5.96
C VAL B 168 -19.30 -29.30 5.58
N ASP B 169 -19.25 -28.04 5.16
CA ASP B 169 -17.99 -27.40 4.80
C ASP B 169 -17.19 -27.08 6.06
N VAL B 170 -17.90 -26.84 7.16
CA VAL B 170 -17.25 -26.64 8.45
C VAL B 170 -16.60 -27.94 8.90
N PHE B 171 -17.30 -29.05 8.68
CA PHE B 171 -16.81 -30.37 9.03
C PHE B 171 -15.53 -30.69 8.24
N GLU B 172 -15.50 -30.29 6.98
CA GLU B 172 -14.34 -30.53 6.13
C GLU B 172 -13.14 -29.71 6.59
N ARG B 173 -13.40 -28.51 7.09
CA ARG B 173 -12.32 -27.65 7.58
C ARG B 173 -11.85 -28.10 8.95
N GLN B 174 -12.71 -28.79 9.68
CA GLN B 174 -12.36 -29.28 11.01
C GLN B 174 -11.32 -30.39 10.95
N LYS B 175 -11.17 -30.99 9.78
CA LYS B 175 -10.10 -31.97 9.55
C LYS B 175 -8.75 -31.27 9.74
N ASN B 176 -8.74 -29.96 9.52
CA ASN B 176 -7.54 -29.14 9.66
C ASN B 176 -6.39 -29.68 8.81
N GLU B 177 -6.68 -29.95 7.55
CA GLU B 177 -5.68 -30.35 6.58
C GLU B 177 -4.98 -29.12 6.04
N VAL B 178 -3.89 -29.30 5.31
CA VAL B 178 -3.22 -28.19 4.66
C VAL B 178 -4.13 -27.65 3.56
N PRO B 179 -4.51 -26.36 3.65
CA PRO B 179 -5.41 -25.82 2.62
C PRO B 179 -4.79 -25.79 1.23
N LEU B 180 -5.64 -25.90 0.21
CA LEU B 180 -5.19 -25.75 -1.18
C LEU B 180 -5.07 -24.27 -1.53
N ALA B 181 -4.01 -23.93 -2.25
CA ALA B 181 -3.85 -22.56 -2.74
C ALA B 181 -4.99 -22.24 -3.70
N ASN B 182 -5.85 -21.30 -3.31
CA ASN B 182 -6.99 -20.93 -4.14
C ASN B 182 -6.62 -19.89 -5.19
N ASP B 183 -5.33 -19.57 -5.27
CA ASP B 183 -4.87 -18.53 -6.19
C ASP B 183 -3.39 -18.69 -6.50
N THR B 184 -2.96 -18.14 -7.64
CA THR B 184 -1.55 -18.05 -7.98
C THR B 184 -1.01 -16.71 -7.49
N SER B 185 -0.43 -16.73 -6.30
CA SER B 185 0.11 -15.53 -5.67
C SER B 185 1.53 -15.78 -5.19
N PHE B 186 2.13 -14.78 -4.56
CA PHE B 186 3.52 -14.86 -4.15
C PHE B 186 3.78 -14.13 -2.85
N GLY B 187 4.96 -14.38 -2.29
CA GLY B 187 5.46 -13.65 -1.14
C GLY B 187 6.95 -13.48 -1.30
N VAL B 188 7.51 -12.48 -0.61
CA VAL B 188 8.94 -12.22 -0.68
C VAL B 188 9.46 -11.82 0.71
N GLY B 189 10.69 -12.22 1.00
CA GLY B 189 11.32 -11.91 2.26
C GLY B 189 12.84 -11.89 2.10
N TYR B 190 13.52 -11.33 3.10
CA TYR B 190 14.96 -11.24 3.04
C TYR B 190 15.57 -11.06 4.43
N ALA B 191 16.84 -11.44 4.57
CA ALA B 191 17.56 -11.30 5.82
C ALA B 191 19.06 -11.35 5.55
N PRO B 192 19.86 -10.76 6.44
CA PRO B 192 19.46 -10.00 7.63
C PRO B 192 19.10 -8.57 7.30
N LEU B 193 18.64 -7.82 8.29
CA LEU B 193 18.39 -6.39 8.10
C LEU B 193 19.72 -5.65 7.98
N SER B 194 19.76 -4.64 7.13
CA SER B 194 20.91 -3.78 7.01
C SER B 194 21.03 -2.92 8.26
N THR B 195 22.16 -2.21 8.39
CA THR B 195 22.36 -1.32 9.53
C THR B 195 21.31 -0.23 9.53
N THR B 196 20.99 0.30 8.35
CA THR B 196 20.00 1.36 8.21
C THR B 196 18.62 0.84 8.57
N GLU B 197 18.27 -0.31 8.01
CA GLU B 197 16.98 -0.94 8.30
C GLU B 197 16.83 -1.23 9.79
N ARG B 198 17.88 -1.77 10.40
CA ARG B 198 17.85 -2.10 11.81
C ARG B 198 17.74 -0.84 12.66
N LEU B 199 18.37 0.24 12.20
CA LEU B 199 18.36 1.49 12.95
C LEU B 199 16.99 2.18 12.88
N VAL B 200 16.36 2.12 11.72
CA VAL B 200 15.02 2.69 11.55
C VAL B 200 14.02 1.90 12.40
N LEU B 201 14.14 0.58 12.37
CA LEU B 201 13.23 -0.29 13.10
C LEU B 201 13.36 -0.12 14.61
N GLU B 202 14.58 -0.18 15.12
CA GLU B 202 14.81 -0.14 16.55
C GLU B 202 14.58 1.26 17.13
N THR B 203 14.72 2.28 16.29
CA THR B 203 14.44 3.65 16.72
C THR B 203 12.97 3.79 17.07
N GLU B 204 12.11 3.30 16.18
CA GLU B 204 10.67 3.35 16.42
C GLU B 204 10.30 2.48 17.62
N ARG B 205 10.84 1.28 17.67
CA ARG B 205 10.59 0.36 18.78
C ARG B 205 10.94 0.99 20.13
N PHE B 206 12.12 1.59 20.20
CA PHE B 206 12.59 2.16 21.45
C PHE B 206 11.77 3.38 21.87
N LEU B 207 11.42 4.22 20.91
CA LEU B 207 10.65 5.42 21.21
C LEU B 207 9.20 5.10 21.59
N ASN B 208 8.80 3.85 21.39
CA ASN B 208 7.46 3.38 21.77
C ASN B 208 7.51 2.29 22.84
N SER B 209 8.62 2.25 23.58
CA SER B 209 8.78 1.30 24.67
C SER B 209 8.29 1.92 25.98
N ASP B 210 7.81 1.08 26.89
CA ASP B 210 7.35 1.55 28.20
C ASP B 210 8.46 2.27 28.94
N GLU B 211 9.69 1.79 28.78
CA GLU B 211 10.84 2.32 29.51
C GLU B 211 11.12 3.78 29.17
N LEU B 212 10.92 4.15 27.91
CA LEU B 212 11.18 5.53 27.49
C LEU B 212 10.01 6.45 27.80
N LYS B 213 8.78 5.95 27.63
CA LYS B 213 7.60 6.74 27.93
C LYS B 213 7.63 7.21 29.39
N ASN B 214 8.12 6.33 30.27
CA ASN B 214 8.23 6.63 31.68
C ASN B 214 9.22 7.77 31.94
N GLU B 215 10.24 7.86 31.09
CA GLU B 215 11.27 8.89 31.25
C GLU B 215 10.90 10.17 30.51
N ILE B 216 10.17 10.01 29.40
CA ILE B 216 9.73 11.17 28.60
C ILE B 216 8.28 10.96 28.16
N PRO B 217 7.32 11.19 29.07
CA PRO B 217 5.90 10.97 28.78
C PRO B 217 5.37 11.83 27.63
N ALA B 218 6.09 12.89 27.27
CA ALA B 218 5.65 13.79 26.22
C ALA B 218 5.70 13.12 24.84
N VAL B 219 6.48 12.05 24.72
CA VAL B 219 6.62 11.37 23.44
C VAL B 219 5.39 10.55 23.10
N GLY B 220 4.66 10.98 22.07
CA GLY B 220 3.49 10.26 21.60
C GLY B 220 3.86 9.00 20.85
N GLU B 221 2.86 8.26 20.40
CA GLU B 221 3.10 6.98 19.73
C GLU B 221 3.10 7.11 18.22
N ASP B 222 2.61 8.23 17.71
CA ASP B 222 2.66 8.49 16.28
C ASP B 222 4.08 8.92 15.92
N ILE B 223 4.93 7.92 15.66
CA ILE B 223 6.32 8.14 15.34
C ILE B 223 6.62 7.58 13.96
N LYS B 224 7.12 8.45 13.09
CA LYS B 224 7.49 8.06 11.74
C LYS B 224 8.98 8.29 11.53
N VAL B 225 9.69 7.22 11.18
CA VAL B 225 11.14 7.24 11.04
C VAL B 225 11.57 7.00 9.60
N MET B 226 12.34 7.95 9.05
CA MET B 226 12.92 7.81 7.71
C MET B 226 14.44 7.79 7.80
N GLY B 227 15.05 6.76 7.25
CA GLY B 227 16.50 6.62 7.24
C GLY B 227 17.06 6.76 5.83
N LEU B 228 18.02 7.67 5.68
CA LEU B 228 18.76 7.84 4.43
C LEU B 228 20.22 7.53 4.64
N ARG B 229 20.75 6.57 3.88
CA ARG B 229 22.18 6.27 3.92
C ARG B 229 22.87 6.77 2.67
N GLU B 230 23.92 7.57 2.86
CA GLU B 230 24.78 8.02 1.77
C GLU B 230 26.20 7.54 2.05
N GLY B 231 26.59 6.46 1.39
CA GLY B 231 27.86 5.83 1.64
C GLY B 231 27.79 5.20 3.01
N LYS B 232 28.39 5.87 3.99
CA LYS B 232 28.36 5.43 5.38
C LYS B 232 27.84 6.54 6.30
N LYS B 233 27.17 7.53 5.72
CA LYS B 233 26.47 8.54 6.49
C LYS B 233 24.99 8.20 6.53
N ILE B 234 24.45 7.97 7.72
CA ILE B 234 23.03 7.69 7.88
C ILE B 234 22.32 8.90 8.47
N THR B 235 21.28 9.37 7.78
CA THR B 235 20.45 10.47 8.27
C THR B 235 19.08 9.96 8.68
N LEU B 236 18.77 10.10 9.95
CA LEU B 236 17.44 9.77 10.47
C LEU B 236 16.57 11.02 10.57
N THR B 237 15.43 11.00 9.88
CA THR B 237 14.43 12.05 10.00
C THR B 237 13.21 11.50 10.72
N ILE B 238 12.93 12.04 11.90
CA ILE B 238 11.85 11.55 12.74
C ILE B 238 10.70 12.54 12.83
N ALA B 239 9.49 12.05 12.58
CA ALA B 239 8.27 12.81 12.85
C ALA B 239 7.64 12.25 14.12
N MET B 240 7.67 13.04 15.18
CA MET B 240 7.29 12.59 16.52
C MET B 240 6.21 13.50 17.12
N ALA B 241 5.03 12.93 17.37
CA ALA B 241 3.92 13.66 17.97
C ALA B 241 4.13 13.84 19.47
N VAL B 242 4.05 15.08 19.94
CA VAL B 242 4.25 15.40 21.34
C VAL B 242 2.91 15.58 22.04
N VAL B 243 2.78 14.97 23.23
CA VAL B 243 1.58 15.07 24.04
C VAL B 243 1.59 16.38 24.82
N ASP B 244 0.62 17.26 24.54
CA ASP B 244 0.70 18.64 25.01
C ASP B 244 0.48 18.83 26.50
N ARG B 245 0.00 17.80 27.19
CA ARG B 245 -0.23 17.89 28.63
C ARG B 245 1.08 17.80 29.41
N TYR B 246 2.18 17.48 28.71
CA TYR B 246 3.47 17.29 29.35
C TYR B 246 4.48 18.38 29.01
N VAL B 247 4.03 19.38 28.23
CA VAL B 247 4.88 20.53 27.92
C VAL B 247 4.07 21.82 28.04
N LYS B 248 4.50 22.69 28.96
CA LYS B 248 3.72 23.88 29.30
C LYS B 248 4.10 25.08 28.44
N ASN B 249 5.12 24.94 27.60
CA ASN B 249 5.52 26.02 26.70
C ASN B 249 6.49 25.53 25.63
N ILE B 250 6.81 26.42 24.69
CA ILE B 250 7.70 26.09 23.58
C ILE B 250 9.07 25.66 24.09
N GLU B 251 9.47 26.21 25.23
CA GLU B 251 10.76 25.90 25.83
C GLU B 251 10.84 24.42 26.17
N GLU B 252 9.83 23.91 26.86
CA GLU B 252 9.81 22.51 27.25
C GLU B 252 9.63 21.60 26.05
N TYR B 253 8.97 22.12 25.01
CA TYR B 253 8.83 21.37 23.76
C TYR B 253 10.21 21.14 23.15
N LYS B 254 11.00 22.21 23.03
CA LYS B 254 12.36 22.13 22.51
C LYS B 254 13.19 21.12 23.30
N GLU B 255 12.99 21.11 24.61
CA GLU B 255 13.75 20.24 25.50
C GLU B 255 13.44 18.77 25.25
N VAL B 256 12.17 18.48 24.95
CA VAL B 256 11.77 17.11 24.65
C VAL B 256 12.43 16.65 23.36
N ILE B 257 12.50 17.53 22.37
CA ILE B 257 13.13 17.21 21.09
C ILE B 257 14.59 16.86 21.28
N GLU B 258 15.30 17.67 22.06
CA GLU B 258 16.73 17.48 22.27
C GLU B 258 17.01 16.26 23.14
N LYS B 259 16.15 15.98 24.10
CA LYS B 259 16.31 14.80 24.94
C LYS B 259 16.13 13.53 24.12
N VAL B 260 15.12 13.53 23.25
CA VAL B 260 14.88 12.40 22.36
C VAL B 260 16.05 12.24 21.39
N ARG B 261 16.52 13.36 20.85
CA ARG B 261 17.65 13.37 19.93
C ARG B 261 18.86 12.72 20.59
N LYS B 262 19.09 13.04 21.85
CA LYS B 262 20.18 12.44 22.61
C LYS B 262 19.98 10.93 22.78
N LYS B 263 18.76 10.53 23.12
CA LYS B 263 18.44 9.13 23.32
C LYS B 263 18.66 8.33 22.02
N VAL B 264 18.30 8.93 20.89
CA VAL B 264 18.42 8.26 19.60
C VAL B 264 19.90 8.20 19.19
N GLU B 265 20.65 9.24 19.52
CA GLU B 265 22.09 9.25 19.27
C GLU B 265 22.75 8.10 20.02
N ASP B 266 22.32 7.89 21.26
CA ASP B 266 22.84 6.80 22.08
C ASP B 266 22.51 5.44 21.45
N LEU B 267 21.31 5.33 20.88
CA LEU B 267 20.89 4.10 20.23
C LEU B 267 21.71 3.84 18.97
N ALA B 268 22.00 4.91 18.23
CA ALA B 268 22.76 4.79 16.98
C ALA B 268 24.16 4.26 17.24
N LYS B 269 24.71 4.60 18.40
CA LYS B 269 26.05 4.13 18.78
C LYS B 269 26.05 2.63 19.04
N LYS B 270 24.89 2.08 19.36
CA LYS B 270 24.76 0.66 19.68
C LYS B 270 24.49 -0.19 18.45
N ILE B 271 24.04 0.45 17.38
CA ILE B 271 23.64 -0.26 16.16
C ILE B 271 24.52 0.11 14.97
N ALA B 272 24.74 1.40 14.79
CA ALA B 272 25.51 1.90 13.65
C ALA B 272 26.83 2.54 14.09
N ASP B 273 27.51 1.87 15.02
CA ASP B 273 28.84 2.31 15.42
C ASP B 273 29.79 2.09 14.24
N GLY B 274 30.40 3.17 13.77
CA GLY B 274 31.26 3.13 12.61
C GLY B 274 30.71 4.01 11.49
N TYR B 275 29.44 4.38 11.62
CA TYR B 275 28.79 5.27 10.66
C TYR B 275 28.71 6.69 11.22
N GLU B 276 28.68 7.66 10.32
CA GLU B 276 28.30 9.02 10.69
C GLU B 276 26.77 9.07 10.74
N VAL B 277 26.22 9.52 11.87
CA VAL B 277 24.77 9.56 12.04
C VAL B 277 24.29 10.97 12.34
N GLU B 278 23.34 11.44 11.53
CA GLU B 278 22.64 12.69 11.77
C GLU B 278 21.19 12.38 12.12
N ILE B 279 20.66 13.10 13.12
CA ILE B 279 19.31 12.89 13.59
C ILE B 279 18.53 14.19 13.56
N HIS B 280 17.46 14.20 12.77
CA HIS B 280 16.58 15.36 12.64
C HIS B 280 15.17 15.00 13.10
N ILE B 281 14.55 15.90 13.85
CA ILE B 281 13.24 15.64 14.43
C ILE B 281 12.28 16.80 14.15
N ASN B 282 11.09 16.45 13.65
CA ASN B 282 10.04 17.43 13.37
C ASN B 282 10.57 18.64 12.62
N THR B 283 11.20 18.37 11.47
CA THR B 283 11.93 19.39 10.73
C THR B 283 11.02 20.48 10.17
N ALA B 284 9.71 20.25 10.17
CA ALA B 284 8.75 21.24 9.69
C ALA B 284 8.35 22.21 10.79
N ASP B 285 8.88 22.02 11.99
CA ASP B 285 8.60 22.91 13.11
C ASP B 285 9.08 24.33 12.85
N ASP B 286 8.30 25.29 13.31
CA ASP B 286 8.72 26.68 13.37
C ASP B 286 8.63 27.12 14.83
N TYR B 287 9.75 27.00 15.54
CA TYR B 287 9.79 27.30 16.97
C TYR B 287 9.33 28.73 17.24
N GLU B 288 9.69 29.65 16.36
CA GLU B 288 9.37 31.06 16.53
C GLU B 288 7.87 31.29 16.62
N ARG B 289 7.15 30.83 15.59
CA ARG B 289 5.71 31.03 15.50
C ARG B 289 4.94 29.98 16.29
N GLU B 290 5.67 29.14 17.01
CA GLU B 290 5.08 28.04 17.79
C GLU B 290 4.19 27.16 16.91
N SER B 291 4.58 27.02 15.65
CA SER B 291 3.93 26.08 14.73
C SER B 291 4.70 24.77 14.77
N VAL B 292 4.36 23.92 15.73
CA VAL B 292 5.10 22.68 15.95
C VAL B 292 4.17 21.47 16.05
N TYR B 293 4.77 20.29 16.10
CA TYR B 293 4.04 19.03 16.11
C TYR B 293 3.45 18.75 17.49
N LEU B 294 2.43 19.53 17.87
CA LEU B 294 1.73 19.35 19.15
C LEU B 294 0.41 18.62 18.96
N THR B 295 0.16 17.63 19.82
CA THR B 295 -1.09 16.89 19.79
C THR B 295 -1.63 16.71 21.21
N VAL B 296 -2.93 16.50 21.30
CA VAL B 296 -3.60 16.26 22.58
C VAL B 296 -3.41 14.82 23.02
N THR B 297 -3.43 13.90 22.05
CA THR B 297 -3.47 12.48 22.34
C THR B 297 -2.18 11.73 22.00
N GLY B 298 -1.26 12.40 21.32
CA GLY B 298 -0.02 11.77 20.92
C GLY B 298 -0.12 11.06 19.58
N THR B 299 -1.20 11.31 18.85
CA THR B 299 -1.33 10.81 17.49
C THR B 299 -2.01 11.81 16.58
N SER B 300 -1.50 11.93 15.36
CA SER B 300 -2.06 12.87 14.39
C SER B 300 -3.42 12.40 13.89
N ALA B 301 -3.81 11.18 14.28
CA ALA B 301 -5.14 10.67 13.99
C ALA B 301 -6.22 11.54 14.64
N GLU B 302 -5.84 12.32 15.64
CA GLU B 302 -6.79 13.15 16.37
C GLU B 302 -7.36 14.27 15.50
N MET B 303 -6.67 14.60 14.41
CA MET B 303 -7.17 15.62 13.49
C MET B 303 -6.30 15.79 12.25
N GLY B 304 -4.98 15.72 12.41
CA GLY B 304 -4.06 16.06 11.35
C GLY B 304 -4.03 15.11 10.18
N ASP B 305 -4.27 13.83 10.42
CA ASP B 305 -4.07 12.81 9.39
C ASP B 305 -5.10 11.69 9.49
N ASP B 306 -5.40 11.09 8.34
CA ASP B 306 -6.31 9.96 8.24
C ASP B 306 -5.50 8.69 7.98
N GLY B 307 -6.17 7.54 7.96
CA GLY B 307 -5.47 6.27 7.76
C GLY B 307 -6.32 5.16 7.19
N SER B 308 -5.65 4.19 6.57
CA SER B 308 -6.30 2.96 6.13
C SER B 308 -5.27 1.84 5.96
N VAL B 309 -5.74 0.66 5.59
CA VAL B 309 -4.93 -0.55 5.59
C VAL B 309 -4.11 -0.72 4.31
N GLY B 310 -2.86 -1.14 4.47
CA GLY B 310 -2.05 -1.60 3.35
C GLY B 310 -1.26 -0.54 2.61
N ARG B 311 -1.05 0.61 3.23
CA ARG B 311 -0.29 1.69 2.62
C ARG B 311 0.83 2.14 3.55
N GLY B 312 1.32 1.21 4.36
CA GLY B 312 2.43 1.46 5.25
C GLY B 312 3.44 0.34 5.21
N ASN B 313 3.85 -0.12 6.39
CA ASN B 313 4.89 -1.13 6.51
C ASN B 313 4.52 -2.44 5.83
N ARG B 314 5.54 -3.14 5.32
CA ARG B 314 5.40 -4.52 4.90
C ARG B 314 5.47 -5.39 6.16
N VAL B 315 5.40 -6.71 5.99
CA VAL B 315 5.31 -7.61 7.14
C VAL B 315 6.58 -7.57 8.00
N ASN B 316 7.70 -7.21 7.41
CA ASN B 316 8.96 -7.09 8.15
C ASN B 316 9.01 -5.76 8.91
N GLY B 317 7.96 -4.96 8.79
CA GLY B 317 7.82 -3.74 9.57
C GLY B 317 8.51 -2.53 8.96
N LEU B 318 8.84 -2.61 7.67
CA LEU B 318 9.59 -1.54 7.01
C LEU B 318 9.04 -1.23 5.62
N ILE B 319 9.38 -0.05 5.13
CA ILE B 319 9.10 0.35 3.75
C ILE B 319 10.45 0.52 3.07
N THR B 320 10.71 -0.29 2.05
CA THR B 320 12.06 -0.47 1.52
C THR B 320 12.13 -0.47 0.00
N PRO B 321 12.30 0.72 -0.61
CA PRO B 321 12.40 0.82 -2.07
C PRO B 321 13.73 0.33 -2.66
N PHE B 322 14.62 -0.20 -1.81
CA PHE B 322 15.84 -0.84 -2.28
C PHE B 322 15.78 -2.35 -2.04
N ARG B 323 14.60 -2.83 -1.63
CA ARG B 323 14.35 -4.26 -1.48
C ARG B 323 13.07 -4.60 -2.21
N PRO B 324 12.87 -5.88 -2.57
CA PRO B 324 11.59 -6.26 -3.17
C PRO B 324 10.44 -6.15 -2.16
N MET B 325 9.30 -5.66 -2.62
CA MET B 325 8.11 -5.53 -1.77
C MET B 325 6.86 -6.01 -2.48
N SER B 326 6.03 -6.75 -1.77
CA SER B 326 4.70 -7.10 -2.26
C SER B 326 3.76 -5.95 -1.92
N MET B 327 2.91 -5.58 -2.87
CA MET B 327 1.94 -4.50 -2.66
C MET B 327 0.74 -5.00 -1.87
N GLU B 328 0.65 -6.32 -1.73
CA GLU B 328 -0.47 -6.95 -1.04
C GLU B 328 -0.49 -6.59 0.44
N ALA B 329 -1.68 -6.35 0.97
CA ALA B 329 -1.85 -6.02 2.38
C ALA B 329 -2.08 -7.28 3.19
N ALA B 330 -1.15 -7.58 4.10
CA ALA B 330 -1.21 -8.81 4.89
C ALA B 330 -2.19 -8.71 6.05
N SER B 331 -2.23 -7.53 6.68
CA SER B 331 -3.00 -7.35 7.91
C SER B 331 -4.49 -7.54 7.66
N GLY B 332 -5.10 -8.44 8.42
CA GLY B 332 -6.52 -8.70 8.33
C GLY B 332 -6.87 -9.85 7.41
N LYS B 333 -5.88 -10.31 6.63
CA LYS B 333 -6.09 -11.42 5.72
C LYS B 333 -6.21 -12.73 6.49
N ASN B 334 -6.97 -13.68 5.93
CA ASN B 334 -7.16 -14.99 6.54
C ASN B 334 -5.84 -15.74 6.67
N PRO B 335 -5.41 -16.06 7.91
CA PRO B 335 -4.14 -16.77 8.05
C PRO B 335 -4.21 -18.23 7.61
N VAL B 336 -5.40 -18.69 7.25
CA VAL B 336 -5.59 -20.08 6.84
C VAL B 336 -5.22 -20.31 5.38
N ASN B 337 -5.85 -19.55 4.49
CA ASN B 337 -5.78 -19.82 3.06
C ASN B 337 -5.39 -18.65 2.17
N HIS B 338 -4.97 -17.53 2.77
CA HIS B 338 -4.50 -16.40 1.95
C HIS B 338 -3.01 -16.53 1.69
N VAL B 339 -2.68 -16.79 0.43
CA VAL B 339 -1.31 -17.05 0.01
C VAL B 339 -0.39 -15.87 0.33
N GLY B 340 -0.82 -14.67 -0.07
CA GLY B 340 -0.02 -13.46 0.11
C GLY B 340 0.48 -13.28 1.53
N LYS B 341 -0.44 -13.32 2.48
CA LYS B 341 -0.10 -13.14 3.89
C LYS B 341 0.86 -14.24 4.37
N ILE B 342 0.49 -15.49 4.11
CA ILE B 342 1.26 -16.63 4.57
C ILE B 342 2.67 -16.64 3.97
N TYR B 343 2.77 -16.37 2.67
CA TYR B 343 4.04 -16.47 1.97
C TYR B 343 5.00 -15.33 2.32
N ASN B 344 4.46 -14.13 2.56
CA ASN B 344 5.32 -13.02 2.93
C ASN B 344 5.92 -13.22 4.32
N ILE B 345 5.11 -13.73 5.24
CA ILE B 345 5.58 -14.05 6.58
C ILE B 345 6.53 -15.26 6.52
N LEU B 346 6.13 -16.28 5.76
CA LEU B 346 6.92 -17.49 5.64
C LEU B 346 8.28 -17.21 5.03
N ALA B 347 8.29 -16.40 3.97
CA ALA B 347 9.53 -16.06 3.27
C ALA B 347 10.52 -15.37 4.19
N ASN B 348 10.04 -14.49 5.06
CA ASN B 348 10.91 -13.77 5.99
C ASN B 348 11.44 -14.68 7.09
N LEU B 349 10.63 -15.66 7.50
CA LEU B 349 11.05 -16.62 8.51
C LEU B 349 12.15 -17.53 7.96
N ILE B 350 11.96 -17.99 6.73
CA ILE B 350 12.94 -18.84 6.06
C ILE B 350 14.24 -18.08 5.82
N ALA B 351 14.12 -16.87 5.31
CA ALA B 351 15.29 -16.04 5.03
C ALA B 351 16.08 -15.76 6.31
N ASN B 352 15.36 -15.48 7.39
CA ASN B 352 15.99 -15.19 8.67
C ASN B 352 16.87 -16.34 9.17
N ASP B 353 16.36 -17.56 9.07
CA ASP B 353 17.11 -18.74 9.51
C ASP B 353 18.29 -19.03 8.58
N ILE B 354 18.06 -18.93 7.28
CA ILE B 354 19.13 -19.14 6.30
C ILE B 354 20.24 -18.10 6.52
N ALA B 355 19.86 -16.91 6.99
CA ALA B 355 20.82 -15.85 7.25
C ALA B 355 21.71 -16.20 8.44
N LYS B 356 21.23 -17.11 9.29
CA LYS B 356 22.02 -17.57 10.43
C LYS B 356 23.09 -18.57 9.99
N LEU B 357 22.95 -19.09 8.76
CA LEU B 357 23.88 -20.10 8.27
C LEU B 357 25.26 -19.51 8.04
N GLU B 358 26.25 -20.26 8.52
CA GLU B 358 27.65 -20.00 8.22
C GLU B 358 27.84 -19.82 6.71
N GLY B 359 28.38 -18.67 6.32
CA GLY B 359 28.70 -18.40 4.93
C GLY B 359 27.70 -17.54 4.19
N VAL B 360 26.55 -17.26 4.80
CA VAL B 360 25.51 -16.44 4.17
C VAL B 360 25.64 -14.98 4.57
N LYS B 361 25.81 -14.12 3.58
CA LYS B 361 25.92 -12.68 3.81
C LYS B 361 24.53 -12.03 3.72
N GLU B 362 23.86 -12.26 2.58
CA GLU B 362 22.49 -11.82 2.39
C GLU B 362 21.67 -12.94 1.76
N CYS B 363 20.38 -12.97 2.09
CA CYS B 363 19.48 -14.02 1.61
C CYS B 363 18.13 -13.45 1.20
N TYR B 364 17.70 -13.77 -0.01
CA TYR B 364 16.36 -13.43 -0.50
C TYR B 364 15.56 -14.71 -0.71
N VAL B 365 14.32 -14.70 -0.25
CA VAL B 365 13.42 -15.83 -0.46
C VAL B 365 12.16 -15.37 -1.16
N ARG B 366 11.90 -15.95 -2.33
CA ARG B 366 10.69 -15.68 -3.08
C ARG B 366 9.88 -16.97 -3.23
N ILE B 367 8.59 -16.88 -2.92
CA ILE B 367 7.71 -18.04 -2.98
C ILE B 367 6.53 -17.77 -3.92
N LEU B 368 6.21 -18.77 -4.74
CA LEU B 368 5.13 -18.65 -5.72
C LEU B 368 4.23 -19.88 -5.63
N SER B 369 2.93 -19.66 -5.49
CA SER B 369 2.00 -20.75 -5.28
C SER B 369 1.48 -21.36 -6.59
N GLN B 370 1.07 -22.61 -6.50
CA GLN B 370 0.38 -23.30 -7.58
C GLN B 370 -1.09 -23.42 -7.21
N ILE B 371 -1.95 -22.72 -7.95
CA ILE B 371 -3.39 -22.78 -7.69
C ILE B 371 -3.88 -24.22 -7.81
N GLY B 372 -4.56 -24.69 -6.76
CA GLY B 372 -5.07 -26.05 -6.74
C GLY B 372 -4.20 -26.98 -5.90
N LYS B 373 -2.94 -26.60 -5.73
CA LYS B 373 -2.00 -27.37 -4.91
C LYS B 373 -1.98 -26.85 -3.47
N PRO B 374 -1.57 -27.69 -2.51
CA PRO B 374 -1.45 -27.24 -1.12
C PRO B 374 -0.53 -26.03 -0.99
N ILE B 375 -0.80 -25.18 0.00
CA ILE B 375 -0.05 -23.93 0.16
C ILE B 375 1.42 -24.18 0.46
N ASN B 376 1.73 -25.31 1.09
CA ASN B 376 3.11 -25.63 1.43
C ASN B 376 3.78 -26.50 0.37
N GLU B 377 3.21 -26.50 -0.83
CA GLU B 377 3.80 -27.15 -2.00
C GLU B 377 3.83 -26.15 -3.15
N PRO B 378 4.66 -25.12 -3.03
CA PRO B 378 4.67 -24.02 -4.00
C PRO B 378 5.14 -24.44 -5.39
N LYS B 379 4.73 -23.69 -6.41
CA LYS B 379 5.22 -23.91 -7.76
C LYS B 379 6.72 -23.62 -7.82
N ALA B 380 7.17 -22.68 -7.00
CA ALA B 380 8.57 -22.31 -6.96
C ALA B 380 8.92 -21.56 -5.68
N LEU B 381 9.98 -22.02 -5.01
CA LEU B 381 10.55 -21.32 -3.87
C LEU B 381 12.00 -20.97 -4.19
N ASP B 382 12.26 -19.70 -4.45
CA ASP B 382 13.57 -19.24 -4.89
C ASP B 382 14.39 -18.71 -3.72
N ILE B 383 15.49 -19.39 -3.41
CA ILE B 383 16.44 -18.92 -2.40
C ILE B 383 17.66 -18.31 -3.08
N GLU B 384 17.79 -16.99 -2.99
CA GLU B 384 18.93 -16.29 -3.58
C GLU B 384 19.90 -15.85 -2.47
N ILE B 385 21.12 -16.37 -2.53
CA ILE B 385 22.11 -16.13 -1.49
C ILE B 385 23.32 -15.37 -2.01
N ILE B 386 23.68 -14.30 -1.30
CA ILE B 386 24.95 -13.63 -1.49
C ILE B 386 25.94 -14.22 -0.49
N THR B 387 26.92 -14.95 -1.00
CA THR B 387 27.84 -15.70 -0.15
C THR B 387 28.97 -14.85 0.42
N GLU B 388 29.46 -15.23 1.59
CA GLU B 388 30.66 -14.66 2.16
C GLU B 388 31.86 -15.13 1.34
N ASP B 389 32.94 -14.35 1.36
CA ASP B 389 34.13 -14.68 0.60
C ASP B 389 34.71 -16.03 1.05
N SER B 390 35.11 -16.84 0.06
CA SER B 390 35.77 -18.12 0.29
C SER B 390 34.80 -19.22 0.75
N TYR B 391 33.51 -19.01 0.52
CA TYR B 391 32.50 -20.01 0.84
C TYR B 391 31.91 -20.60 -0.44
N ASP B 392 31.67 -21.90 -0.42
CA ASP B 392 31.06 -22.60 -1.55
C ASP B 392 29.55 -22.65 -1.35
N ILE B 393 28.80 -22.02 -2.25
CA ILE B 393 27.35 -22.01 -2.20
C ILE B 393 26.80 -23.43 -2.14
N LYS B 394 27.52 -24.38 -2.72
CA LYS B 394 27.07 -25.77 -2.77
C LYS B 394 27.23 -26.47 -1.43
N ASP B 395 28.00 -25.87 -0.52
CA ASP B 395 28.06 -26.35 0.86
C ASP B 395 26.90 -25.79 1.66
N ILE B 396 26.47 -24.57 1.30
CA ILE B 396 25.38 -23.89 2.00
C ILE B 396 24.03 -24.41 1.54
N GLU B 397 23.95 -24.75 0.26
CA GLU B 397 22.69 -25.15 -0.38
C GLU B 397 21.89 -26.22 0.38
N PRO B 398 22.52 -27.35 0.73
CA PRO B 398 21.74 -28.40 1.40
C PRO B 398 21.17 -27.94 2.74
N LYS B 399 21.92 -27.14 3.47
CA LYS B 399 21.44 -26.62 4.75
C LYS B 399 20.27 -25.66 4.52
N ALA B 400 20.38 -24.83 3.48
CA ALA B 400 19.36 -23.85 3.16
C ALA B 400 18.06 -24.52 2.73
N LYS B 401 18.17 -25.58 1.93
CA LYS B 401 17.00 -26.30 1.44
C LYS B 401 16.28 -27.04 2.56
N GLU B 402 17.04 -27.52 3.53
CA GLU B 402 16.45 -28.22 4.67
C GLU B 402 15.66 -27.25 5.54
N ILE B 403 16.21 -26.05 5.75
CA ILE B 403 15.53 -25.01 6.51
C ILE B 403 14.20 -24.65 5.87
N ALA B 404 14.21 -24.48 4.56
CA ALA B 404 13.01 -24.13 3.81
C ALA B 404 11.98 -25.26 3.89
N ASN B 405 12.46 -26.49 3.70
CA ASN B 405 11.59 -27.66 3.79
C ASN B 405 11.03 -27.85 5.19
N LYS B 406 11.82 -27.47 6.19
CA LYS B 406 11.38 -27.58 7.57
C LYS B 406 10.19 -26.66 7.84
N TRP B 407 10.29 -25.42 7.38
CA TRP B 407 9.22 -24.45 7.58
C TRP B 407 7.97 -24.83 6.80
N LEU B 408 8.15 -25.35 5.59
CA LEU B 408 7.02 -25.77 4.77
C LEU B 408 6.30 -26.96 5.41
N ASP B 409 7.07 -27.88 5.97
CA ASP B 409 6.49 -29.01 6.71
C ASP B 409 5.67 -28.51 7.89
N ASN B 410 6.17 -27.47 8.55
CA ASN B 410 5.50 -26.88 9.70
C ASN B 410 4.73 -25.62 9.32
N ILE B 411 3.98 -25.70 8.22
CA ILE B 411 3.22 -24.57 7.72
C ILE B 411 2.12 -24.19 8.72
N MET B 412 1.52 -25.19 9.35
CA MET B 412 0.44 -24.97 10.29
C MET B 412 0.95 -24.27 11.55
N GLU B 413 2.22 -24.52 11.89
CA GLU B 413 2.82 -23.87 13.05
C GLU B 413 3.01 -22.39 12.78
N VAL B 414 3.24 -22.04 11.52
CA VAL B 414 3.34 -20.64 11.12
C VAL B 414 1.98 -19.96 11.30
N GLN B 415 0.93 -20.68 10.94
CA GLN B 415 -0.42 -20.15 11.05
C GLN B 415 -0.80 -19.95 12.51
N LYS B 416 -0.25 -20.79 13.39
CA LYS B 416 -0.44 -20.63 14.82
C LYS B 416 0.28 -19.40 15.34
N MET B 417 1.50 -19.18 14.86
CA MET B 417 2.30 -18.04 15.29
C MET B 417 1.63 -16.72 14.95
N ILE B 418 0.92 -16.69 13.82
CA ILE B 418 0.18 -15.50 13.40
C ILE B 418 -0.97 -15.22 14.35
N VAL B 419 -1.79 -16.23 14.62
CA VAL B 419 -2.95 -16.08 15.50
C VAL B 419 -2.51 -15.69 16.92
N GLU B 420 -1.40 -16.25 17.37
CA GLU B 420 -0.89 -15.99 18.71
C GLU B 420 -0.05 -14.71 18.76
N GLY B 421 0.10 -14.06 17.62
CA GLY B 421 0.81 -12.78 17.56
C GLY B 421 2.31 -12.91 17.74
N LYS B 422 2.85 -14.09 17.48
CA LYS B 422 4.28 -14.29 17.58
C LYS B 422 5.02 -13.69 16.38
N VAL B 423 4.28 -13.44 15.30
CA VAL B 423 4.83 -12.77 14.11
C VAL B 423 4.02 -11.51 13.82
N THR B 424 4.61 -10.63 13.00
CA THR B 424 4.00 -9.34 12.68
C THR B 424 3.50 -9.29 11.25
N THR B 425 2.55 -8.40 10.97
CA THR B 425 2.06 -8.17 9.62
C THR B 425 2.34 -6.73 9.17
N PHE B 426 2.97 -5.96 10.05
CA PHE B 426 3.28 -4.56 9.75
C PHE B 426 4.26 -4.02 10.79
#